data_1PFF
#
_entry.id   1PFF
#
_cell.length_a   166.634
_cell.length_b   48.476
_cell.length_c   75.606
_cell.angle_alpha   90.00
_cell.angle_beta   110.33
_cell.angle_gamma   90.00
#
_symmetry.space_group_name_H-M   'C 1 2 1'
#
loop_
_entity.id
_entity.type
_entity.pdbx_description
1 polymer 'methionine gamma-lyase'
2 non-polymer 1,2-ETHANEDIOL
3 non-polymer DI(HYDROXYETHYL)ETHER
4 water water
#
_entity_poly.entity_id   1
_entity_poly.type   'polypeptide(L)'
_entity_poly.pdbx_seq_one_letter_code
;SALEGKIAKLEHAEACAATASGMGAIAASVWTFLKAGDHLISDDCLYGCTHALFEHQLRKFGVEVDFIDMAVPGNIEKHL
KPNTRIVYFETPANPTLKVIDIEDAVKQARKQKDILVIVDNTFASPILTNPLDLGVDIVVHSATKYINGHTDVVAGLVCS
RADIIAKVKSQGIKDITGAIISPHDAWLITRGTLTLDMRVKRAAENAQKVAEFLHEHKAVKKVYYPGLPDHPGHEIAKKQ
MKMFGSMIAFDVDGLEKAKKVLDNCHVVSLAVSLGGPESLIQHPASMTHAGVPKEEREAAGLTDNLIRLSVGCENVQDII
DDLKQALDLVL
;
_entity_poly.pdbx_strand_id   A,B
#
loop_
_chem_comp.id
_chem_comp.type
_chem_comp.name
_chem_comp.formula
EDO non-polymer 1,2-ETHANEDIOL 'C2 H6 O2'
PEG non-polymer DI(HYDROXYETHYL)ETHER 'C4 H10 O3'
#
# COMPACT_ATOMS: atom_id res chain seq x y z
N SER A 1 0.09 -3.58 17.46
CA SER A 1 1.29 -2.74 17.70
C SER A 1 0.97 -1.64 18.72
N ALA A 2 2.01 -0.97 19.22
CA ALA A 2 1.85 0.13 20.15
C ALA A 2 1.03 1.27 19.53
N LEU A 3 1.32 1.57 18.26
CA LEU A 3 0.60 2.62 17.54
C LEU A 3 -0.87 2.25 17.42
N GLU A 4 -1.11 1.02 16.95
CA GLU A 4 -2.47 0.54 16.71
C GLU A 4 -3.31 0.56 17.99
N GLY A 5 -2.71 0.15 19.11
CA GLY A 5 -3.38 0.23 20.41
C GLY A 5 -3.78 1.63 20.84
N LYS A 6 -2.89 2.60 20.61
CA LYS A 6 -3.15 3.99 21.00
C LYS A 6 -4.27 4.63 20.17
N ILE A 7 -4.24 4.40 18.86
CA ILE A 7 -5.28 4.94 17.99
C ILE A 7 -6.64 4.27 18.28
N ALA A 8 -6.63 2.97 18.55
CA ALA A 8 -7.85 2.26 18.92
C ALA A 8 -8.49 2.85 20.17
N LYS A 9 -7.68 3.19 21.18
CA LYS A 9 -8.19 3.85 22.37
C LYS A 9 -8.77 5.24 22.06
N LEU A 10 -8.12 5.97 21.15
CA LEU A 10 -8.59 7.30 20.75
C LEU A 10 -9.93 7.25 20.04
N GLU A 11 -10.18 6.19 19.27
CA GLU A 11 -11.43 6.07 18.52
C GLU A 11 -12.47 5.17 19.18
N HIS A 12 -12.13 4.67 20.37
CA HIS A 12 -12.96 3.69 21.11
C HIS A 12 -13.23 2.43 20.29
N ALA A 13 -12.23 2.03 19.51
CA ALA A 13 -12.30 0.84 18.67
C ALA A 13 -11.76 -0.39 19.41
N GLU A 14 -12.18 -1.57 18.97
CA GLU A 14 -11.59 -2.82 19.45
C GLU A 14 -10.17 -3.00 18.94
N ALA A 15 -9.93 -2.58 17.69
CA ALA A 15 -8.64 -2.81 17.05
C ALA A 15 -8.33 -1.78 15.98
N CYS A 16 -7.07 -1.72 15.58
CA CYS A 16 -6.66 -0.80 14.54
C CYS A 16 -5.56 -1.42 13.69
N ALA A 17 -5.55 -1.07 12.41
CA ALA A 17 -4.53 -1.49 11.46
C ALA A 17 -3.90 -0.25 10.86
N ALA A 18 -2.59 -0.12 11.02
CA ALA A 18 -1.83 0.97 10.40
C ALA A 18 -1.45 0.59 8.97
N THR A 19 -1.45 1.58 8.08
CA THR A 19 -1.13 1.39 6.66
C THR A 19 -0.12 2.40 6.12
N ALA A 20 0.28 2.21 4.85
CA ALA A 20 1.28 3.05 4.20
C ALA A 20 0.81 4.45 3.89
N SER A 21 -0.51 4.61 3.80
CA SER A 21 -1.10 5.90 3.45
C SER A 21 -2.59 5.89 3.74
N GLY A 22 -3.18 7.09 3.69
CA GLY A 22 -4.63 7.23 3.81
C GLY A 22 -5.37 6.45 2.73
N MET A 23 -4.87 6.51 1.49
CA MET A 23 -5.44 5.72 0.40
C MET A 23 -5.31 4.21 0.69
N GLY A 24 -4.18 3.81 1.25
CA GLY A 24 -3.97 2.43 1.68
C GLY A 24 -5.01 1.98 2.69
N ALA A 25 -5.37 2.87 3.63
CA ALA A 25 -6.40 2.58 4.64
C ALA A 25 -7.78 2.40 3.99
N ILE A 26 -8.14 3.33 3.10
CA ILE A 26 -9.41 3.23 2.35
C ILE A 26 -9.44 1.97 1.51
N ALA A 27 -8.36 1.77 0.74
CA ALA A 27 -8.27 0.62 -0.17
C ALA A 27 -8.35 -0.72 0.55
N ALA A 28 -7.58 -0.87 1.64
CA ALA A 28 -7.56 -2.13 2.39
C ALA A 28 -8.88 -2.41 3.07
N SER A 29 -9.67 -1.36 3.31
CA SER A 29 -11.01 -1.55 3.84
C SER A 29 -11.96 -1.98 2.71
N VAL A 30 -12.06 -1.16 1.66
CA VAL A 30 -13.05 -1.43 0.60
C VAL A 30 -12.81 -2.67 -0.24
N TRP A 31 -11.58 -2.88 -0.73
CA TRP A 31 -11.32 -4.07 -1.55
C TRP A 31 -11.55 -5.36 -0.75
N THR A 32 -11.25 -5.33 0.55
CA THR A 32 -11.42 -6.52 1.41
C THR A 32 -12.86 -7.00 1.48
N PHE A 33 -13.79 -6.05 1.48
CA PHE A 33 -15.20 -6.36 1.78
C PHE A 33 -16.13 -6.27 0.58
N LEU A 34 -15.53 -6.16 -0.60
CA LEU A 34 -16.27 -6.15 -1.86
C LEU A 34 -15.85 -7.32 -2.73
N LYS A 35 -16.67 -7.59 -3.74
CA LYS A 35 -16.36 -8.54 -4.80
C LYS A 35 -17.15 -8.13 -6.03
N ALA A 36 -16.78 -8.65 -7.19
CA ALA A 36 -17.54 -8.37 -8.41
C ALA A 36 -18.99 -8.76 -8.14
N GLY A 37 -19.91 -7.88 -8.52
CA GLY A 37 -21.33 -8.08 -8.26
C GLY A 37 -21.88 -7.34 -7.05
N ASP A 38 -21.01 -6.76 -6.24
CA ASP A 38 -21.42 -5.96 -5.08
C ASP A 38 -21.76 -4.52 -5.49
N HIS A 39 -22.31 -3.77 -4.54
CA HIS A 39 -22.70 -2.37 -4.76
C HIS A 39 -22.15 -1.51 -3.62
N LEU A 40 -21.66 -0.32 -3.97
CA LEU A 40 -21.13 0.63 -2.99
C LEU A 40 -21.83 1.97 -3.19
N ILE A 41 -22.25 2.59 -2.08
CA ILE A 41 -22.80 3.93 -2.14
C ILE A 41 -21.77 4.86 -1.53
N SER A 42 -21.40 5.89 -2.26
CA SER A 42 -20.44 6.89 -1.78
C SER A 42 -21.05 8.27 -1.84
N ASP A 43 -20.61 9.14 -0.94
CA ASP A 43 -20.94 10.54 -1.04
C ASP A 43 -20.28 11.14 -2.29
N ASP A 44 -20.87 12.20 -2.82
CA ASP A 44 -20.37 12.81 -4.04
C ASP A 44 -19.34 13.92 -3.79
N CYS A 45 -18.97 14.12 -2.53
CA CYS A 45 -17.92 15.09 -2.17
C CYS A 45 -16.70 14.35 -1.67
N LEU A 46 -15.81 13.97 -2.59
CA LEU A 46 -14.65 13.16 -2.23
C LEU A 46 -13.31 13.85 -2.52
N TYR A 47 -12.34 13.56 -1.67
CA TYR A 47 -10.93 13.82 -1.97
C TYR A 47 -10.66 13.16 -3.31
N GLY A 48 -9.94 13.87 -4.18
CA GLY A 48 -9.66 13.43 -5.55
C GLY A 48 -9.35 11.96 -5.75
N CYS A 49 -8.38 11.44 -5.01
CA CYS A 49 -7.92 10.06 -5.18
C CYS A 49 -8.99 9.02 -4.83
N THR A 50 -9.76 9.29 -3.79
CA THR A 50 -10.85 8.42 -3.36
C THR A 50 -11.87 8.27 -4.49
N HIS A 51 -12.17 9.39 -5.16
CA HIS A 51 -13.15 9.38 -6.24
C HIS A 51 -12.67 8.49 -7.40
N ALA A 52 -11.39 8.59 -7.73
CA ALA A 52 -10.80 7.76 -8.78
C ALA A 52 -10.86 6.26 -8.44
N LEU A 53 -10.56 5.91 -7.19
CA LEU A 53 -10.66 4.52 -6.77
C LEU A 53 -12.07 3.98 -6.99
N PHE A 54 -13.06 4.77 -6.56
CA PHE A 54 -14.46 4.35 -6.67
C PHE A 54 -14.96 4.42 -8.11
N GLU A 55 -14.71 5.55 -8.78
CA GLU A 55 -15.29 5.80 -10.11
C GLU A 55 -14.70 4.90 -11.18
N HIS A 56 -13.39 4.71 -11.16
CA HIS A 56 -12.72 3.98 -12.24
C HIS A 56 -12.35 2.55 -11.84
N GLN A 57 -11.73 2.39 -10.68
CA GLN A 57 -11.14 1.10 -10.30
C GLN A 57 -12.14 0.03 -9.83
N LEU A 58 -12.99 0.37 -8.86
CA LEU A 58 -14.02 -0.54 -8.42
C LEU A 58 -14.91 -0.97 -9.59
N ARG A 59 -15.34 0.01 -10.39
CA ARG A 59 -16.24 -0.25 -11.52
C ARG A 59 -15.68 -1.18 -12.58
N LYS A 60 -14.37 -1.12 -12.84
CA LYS A 60 -13.76 -1.99 -13.85
C LYS A 60 -13.64 -3.44 -13.35
N PHE A 61 -13.72 -3.63 -12.04
CA PHE A 61 -13.77 -4.97 -11.44
C PHE A 61 -15.19 -5.40 -11.03
N GLY A 62 -16.19 -4.85 -11.72
CA GLY A 62 -17.56 -5.33 -11.58
C GLY A 62 -18.35 -4.90 -10.34
N VAL A 63 -17.87 -3.88 -9.64
CA VAL A 63 -18.59 -3.29 -8.51
C VAL A 63 -19.44 -2.14 -9.05
N GLU A 64 -20.71 -2.13 -8.68
CA GLU A 64 -21.59 -1.02 -9.02
C GLU A 64 -21.41 0.06 -7.97
N VAL A 65 -21.31 1.32 -8.41
CA VAL A 65 -21.07 2.42 -7.49
C VAL A 65 -22.08 3.54 -7.81
N ASP A 66 -22.76 4.03 -6.77
CA ASP A 66 -23.53 5.25 -6.91
C ASP A 66 -22.83 6.35 -6.13
N PHE A 67 -22.64 7.52 -6.75
CA PHE A 67 -22.22 8.72 -6.01
C PHE A 67 -23.44 9.59 -5.74
N ILE A 68 -23.71 9.85 -4.46
CA ILE A 68 -24.93 10.58 -4.08
C ILE A 68 -24.61 11.69 -3.08
N ASP A 69 -25.51 12.67 -2.99
CA ASP A 69 -25.34 13.72 -1.98
C ASP A 69 -25.90 13.21 -0.65
N MET A 70 -25.01 12.82 0.25
CA MET A 70 -25.45 12.21 1.51
C MET A 70 -25.92 13.21 2.58
N ALA A 71 -25.90 14.50 2.25
CA ALA A 71 -26.49 15.52 3.13
C ALA A 71 -28.00 15.68 2.86
N VAL A 72 -28.50 15.05 1.79
CA VAL A 72 -29.93 15.08 1.50
C VAL A 72 -30.60 13.98 2.35
N PRO A 73 -31.55 14.35 3.22
CA PRO A 73 -32.20 13.36 4.09
C PRO A 73 -32.83 12.23 3.27
N GLY A 74 -32.65 10.98 3.71
CA GLY A 74 -33.23 9.82 3.04
C GLY A 74 -32.47 9.30 1.83
N ASN A 75 -31.43 10.02 1.41
CA ASN A 75 -30.73 9.67 0.18
C ASN A 75 -29.98 8.34 0.21
N ILE A 76 -29.42 7.99 1.37
CA ILE A 76 -28.73 6.72 1.52
C ILE A 76 -29.72 5.55 1.45
N GLU A 77 -30.79 5.61 2.23
CA GLU A 77 -31.74 4.47 2.28
C GLU A 77 -32.40 4.28 0.92
N LYS A 78 -32.63 5.41 0.24
CA LYS A 78 -33.20 5.42 -1.11
C LYS A 78 -32.34 4.65 -2.11
N HIS A 79 -31.03 4.63 -1.92
CA HIS A 79 -30.12 4.01 -2.89
C HIS A 79 -29.71 2.58 -2.56
N LEU A 80 -30.31 2.00 -1.51
CA LEU A 80 -29.99 0.64 -1.09
C LEU A 80 -30.49 -0.36 -2.12
N LYS A 81 -29.65 -1.35 -2.42
CA LYS A 81 -29.97 -2.42 -3.37
C LYS A 81 -29.71 -3.76 -2.68
N PRO A 82 -30.23 -4.87 -3.22
CA PRO A 82 -30.00 -6.19 -2.62
C PRO A 82 -28.50 -6.50 -2.45
N ASN A 83 -27.68 -5.95 -3.34
CA ASN A 83 -26.25 -6.22 -3.32
C ASN A 83 -25.38 -5.10 -2.67
N THR A 84 -26.02 -4.16 -1.99
CA THR A 84 -25.26 -3.09 -1.32
C THR A 84 -24.42 -3.68 -0.16
N ARG A 85 -23.14 -3.35 -0.16
CA ARG A 85 -22.24 -3.87 0.89
C ARG A 85 -21.61 -2.77 1.74
N ILE A 86 -21.48 -1.58 1.17
CA ILE A 86 -20.75 -0.49 1.82
C ILE A 86 -21.41 0.86 1.56
N VAL A 87 -21.48 1.66 2.62
CA VAL A 87 -21.82 3.09 2.56
C VAL A 87 -20.58 3.87 3.01
N TYR A 88 -20.07 4.74 2.15
CA TYR A 88 -18.81 5.45 2.41
C TYR A 88 -18.96 6.97 2.30
N PHE A 89 -18.41 7.70 3.28
CA PHE A 89 -18.32 9.17 3.20
C PHE A 89 -17.25 9.77 4.13
N GLU A 90 -16.95 11.04 3.89
CA GLU A 90 -16.12 11.85 4.75
C GLU A 90 -16.97 12.99 5.28
N THR A 91 -16.74 13.37 6.53
CA THR A 91 -17.32 14.61 7.06
C THR A 91 -16.39 15.24 8.10
N PRO A 92 -16.22 16.57 8.06
CA PRO A 92 -16.76 17.43 7.00
C PRO A 92 -16.11 17.10 5.66
N ALA A 93 -16.83 17.30 4.56
CA ALA A 93 -16.38 16.86 3.26
C ALA A 93 -15.47 17.90 2.60
N ASN A 94 -14.84 17.50 1.50
CA ASN A 94 -13.53 18.02 1.07
C ASN A 94 -13.35 19.40 0.45
N PRO A 95 -14.17 19.83 -0.53
CA PRO A 95 -13.99 21.18 -1.04
C PRO A 95 -14.62 22.20 -0.09
N THR A 96 -15.91 22.05 0.20
CA THR A 96 -16.65 23.14 0.86
C THR A 96 -17.21 22.78 2.22
N LEU A 97 -16.66 21.70 2.81
CA LEU A 97 -16.89 21.33 4.21
C LEU A 97 -18.35 20.95 4.46
N LYS A 98 -18.96 20.33 3.46
CA LYS A 98 -20.31 19.79 3.64
C LYS A 98 -20.33 18.86 4.84
N VAL A 99 -21.37 18.99 5.66
CA VAL A 99 -21.48 18.17 6.86
C VAL A 99 -22.51 17.05 6.67
N ILE A 100 -22.11 15.82 6.94
CA ILE A 100 -23.03 14.68 6.86
C ILE A 100 -23.35 14.18 8.27
N ASP A 101 -24.64 14.02 8.55
CA ASP A 101 -25.10 13.50 9.83
C ASP A 101 -24.72 12.02 9.96
N ILE A 102 -23.69 11.74 10.77
CA ILE A 102 -23.16 10.37 10.89
C ILE A 102 -24.20 9.42 11.47
N GLU A 103 -24.79 9.80 12.60
CA GLU A 103 -25.81 8.97 13.25
C GLU A 103 -26.97 8.66 12.29
N ASP A 104 -27.41 9.68 11.54
CA ASP A 104 -28.51 9.50 10.61
C ASP A 104 -28.13 8.66 9.39
N ALA A 105 -26.89 8.84 8.91
CA ALA A 105 -26.38 8.02 7.83
C ALA A 105 -26.38 6.54 8.22
N VAL A 106 -25.92 6.25 9.45
CA VAL A 106 -25.95 4.88 9.96
C VAL A 106 -27.37 4.33 10.01
N LYS A 107 -28.28 5.14 10.54
CA LYS A 107 -29.68 4.72 10.66
C LYS A 107 -30.29 4.37 9.31
N GLN A 108 -29.95 5.17 8.29
CA GLN A 108 -30.38 4.87 6.93
C GLN A 108 -29.81 3.57 6.39
N ALA A 109 -28.51 3.37 6.59
CA ALA A 109 -27.85 2.14 6.16
C ALA A 109 -28.44 0.92 6.87
N ARG A 110 -28.91 1.09 8.11
CA ARG A 110 -29.51 -0.02 8.85
C ARG A 110 -30.90 -0.42 8.36
N LYS A 111 -31.41 0.27 7.34
CA LYS A 111 -32.64 -0.16 6.65
C LYS A 111 -32.41 -1.45 5.86
N GLN A 112 -31.16 -1.92 5.88
CA GLN A 112 -30.81 -3.23 5.36
C GLN A 112 -29.69 -3.83 6.19
N LYS A 113 -29.71 -5.14 6.37
CA LYS A 113 -28.72 -5.81 7.17
C LYS A 113 -27.38 -5.86 6.46
N ASP A 114 -26.32 -5.98 7.27
CA ASP A 114 -24.98 -6.30 6.79
C ASP A 114 -24.38 -5.30 5.82
N ILE A 115 -24.60 -4.03 6.11
CA ILE A 115 -23.90 -2.99 5.36
C ILE A 115 -22.80 -2.45 6.26
N LEU A 116 -21.60 -2.30 5.70
CA LEU A 116 -20.52 -1.64 6.41
C LEU A 116 -20.54 -0.15 6.10
N VAL A 117 -20.71 0.63 7.16
CA VAL A 117 -20.62 2.07 7.05
C VAL A 117 -19.19 2.45 7.37
N ILE A 118 -18.55 3.15 6.44
CA ILE A 118 -17.15 3.52 6.55
C ILE A 118 -17.02 5.03 6.44
N VAL A 119 -16.34 5.65 7.41
CA VAL A 119 -16.19 7.09 7.46
C VAL A 119 -14.71 7.47 7.52
N ASP A 120 -14.34 8.41 6.67
CA ASP A 120 -13.02 9.01 6.67
C ASP A 120 -13.08 10.15 7.69
N ASN A 121 -12.39 9.96 8.81
CA ASN A 121 -12.40 10.90 9.94
C ASN A 121 -11.10 11.72 10.00
N THR A 122 -10.42 11.83 8.86
CA THR A 122 -9.15 12.52 8.79
C THR A 122 -9.22 13.95 9.33
N PHE A 123 -10.14 14.75 8.79
CA PHE A 123 -10.11 16.17 9.07
C PHE A 123 -10.64 16.57 10.45
N ALA A 124 -11.65 15.84 10.93
CA ALA A 124 -12.11 16.00 12.32
C ALA A 124 -11.07 15.46 13.33
N SER A 125 -10.52 14.26 13.04
CA SER A 125 -9.58 13.55 13.92
C SER A 125 -10.32 12.91 15.12
N PRO A 126 -9.69 11.92 15.76
CA PRO A 126 -10.31 11.24 16.92
C PRO A 126 -10.53 12.21 18.09
N ILE A 127 -9.84 13.35 18.09
CA ILE A 127 -10.03 14.39 19.11
C ILE A 127 -11.42 15.05 19.03
N LEU A 128 -11.97 15.19 17.83
CA LEU A 128 -13.20 15.97 17.66
C LEU A 128 -14.46 15.15 17.38
N THR A 129 -14.30 14.03 16.67
CA THR A 129 -15.40 13.14 16.33
C THR A 129 -14.98 11.70 16.50
N ASN A 130 -15.88 10.89 17.07
CA ASN A 130 -15.67 9.44 17.14
C ASN A 130 -16.80 8.71 16.45
N PRO A 131 -16.70 8.54 15.12
CA PRO A 131 -17.81 7.98 14.35
C PRO A 131 -18.26 6.61 14.83
N LEU A 132 -17.34 5.81 15.39
CA LEU A 132 -17.69 4.48 15.89
C LEU A 132 -18.76 4.54 17.00
N ASP A 133 -18.70 5.60 17.80
CA ASP A 133 -19.66 5.86 18.89
C ASP A 133 -21.07 6.01 18.34
N LEU A 134 -21.16 6.44 17.08
CA LEU A 134 -22.43 6.68 16.42
C LEU A 134 -22.88 5.51 15.53
N GLY A 135 -22.21 4.37 15.65
CA GLY A 135 -22.62 3.17 14.94
C GLY A 135 -21.90 2.86 13.63
N VAL A 136 -20.97 3.71 13.23
CA VAL A 136 -20.12 3.46 12.07
C VAL A 136 -19.34 2.16 12.29
N ASP A 137 -19.12 1.38 11.22
CA ASP A 137 -18.39 0.12 11.34
C ASP A 137 -16.89 0.28 11.27
N ILE A 138 -16.44 1.11 10.32
CA ILE A 138 -15.01 1.29 10.09
C ILE A 138 -14.70 2.78 9.97
N VAL A 139 -13.65 3.22 10.65
CA VAL A 139 -13.14 4.58 10.51
C VAL A 139 -11.75 4.53 9.88
N VAL A 140 -11.51 5.37 8.88
CA VAL A 140 -10.21 5.50 8.25
C VAL A 140 -9.60 6.91 8.44
N HIS A 141 -8.28 6.97 8.45
CA HIS A 141 -7.54 8.22 8.57
C HIS A 141 -6.36 8.25 7.61
N SER A 142 -6.06 9.44 7.08
CA SER A 142 -4.72 9.74 6.64
C SER A 142 -4.04 10.36 7.86
N ALA A 143 -3.03 9.66 8.37
CA ALA A 143 -2.29 10.08 9.56
C ALA A 143 -1.48 11.35 9.31
N THR A 144 -1.29 11.66 8.03
CA THR A 144 -0.49 12.80 7.58
C THR A 144 -0.96 14.14 8.15
N LYS A 145 -2.28 14.37 8.12
CA LYS A 145 -2.84 15.69 8.41
C LYS A 145 -2.74 16.13 9.87
N TYR A 146 -3.19 15.27 10.79
CA TYR A 146 -3.27 15.67 12.21
C TYR A 146 -2.59 14.75 13.20
N ILE A 147 -2.65 13.44 12.94
CA ILE A 147 -2.12 12.49 13.91
C ILE A 147 -0.58 12.64 14.00
N ASN A 148 0.08 12.70 12.85
CA ASN A 148 1.51 13.03 12.79
C ASN A 148 1.78 14.49 13.16
N GLY A 149 2.86 14.73 13.88
CA GLY A 149 3.19 16.06 14.36
C GLY A 149 3.84 16.99 13.35
N HIS A 150 4.02 16.52 12.11
CA HIS A 150 4.75 17.26 11.07
C HIS A 150 4.11 16.96 9.70
N THR A 151 4.81 17.29 8.62
CA THR A 151 4.34 17.02 7.25
C THR A 151 5.22 16.02 6.49
N ASP A 152 6.05 15.28 7.22
CA ASP A 152 7.08 14.44 6.61
C ASP A 152 6.75 12.94 6.57
N VAL A 153 5.51 12.58 6.92
CA VAL A 153 5.10 11.19 6.98
C VAL A 153 3.87 10.94 6.11
N VAL A 154 3.87 9.79 5.43
CA VAL A 154 2.68 9.25 4.77
C VAL A 154 2.31 7.97 5.51
N ALA A 155 1.07 7.92 5.98
CA ALA A 155 0.58 6.78 6.76
C ALA A 155 -0.94 6.87 6.85
N GLY A 156 -1.57 5.72 7.08
CA GLY A 156 -3.01 5.66 7.24
C GLY A 156 -3.36 4.79 8.44
N LEU A 157 -4.62 4.84 8.85
CA LEU A 157 -5.09 4.04 9.97
C LEU A 157 -6.50 3.56 9.70
N VAL A 158 -6.78 2.31 10.07
CA VAL A 158 -8.12 1.73 10.00
C VAL A 158 -8.53 1.25 11.40
N CYS A 159 -9.68 1.70 11.91
CA CYS A 159 -10.18 1.30 13.22
C CYS A 159 -11.54 0.65 13.11
N SER A 160 -11.70 -0.50 13.78
CA SER A 160 -12.95 -1.26 13.72
C SER A 160 -12.96 -2.36 14.77
N ARG A 161 -13.96 -3.25 14.69
CA ARG A 161 -14.03 -4.46 15.50
C ARG A 161 -12.83 -5.35 15.20
N ALA A 162 -12.43 -6.16 16.16
CA ALA A 162 -11.28 -7.07 16.01
C ALA A 162 -11.39 -7.98 14.79
N ASP A 163 -12.58 -8.54 14.58
CA ASP A 163 -12.76 -9.47 13.48
C ASP A 163 -12.65 -8.81 12.09
N ILE A 164 -13.17 -7.60 11.96
CA ILE A 164 -12.98 -6.79 10.73
C ILE A 164 -11.49 -6.46 10.51
N ILE A 165 -10.83 -5.93 11.55
CA ILE A 165 -9.41 -5.58 11.45
C ILE A 165 -8.53 -6.79 11.14
N ALA A 166 -8.88 -7.96 11.67
CA ALA A 166 -8.21 -9.21 11.31
C ALA A 166 -8.17 -9.41 9.78
N LYS A 167 -9.31 -9.19 9.11
CA LYS A 167 -9.42 -9.33 7.66
C LYS A 167 -8.72 -8.19 6.90
N VAL A 168 -8.84 -6.97 7.43
CA VAL A 168 -8.15 -5.81 6.86
C VAL A 168 -6.64 -6.09 6.81
N LYS A 169 -6.09 -6.63 7.89
CA LYS A 169 -4.66 -6.93 7.97
C LYS A 169 -4.25 -8.09 7.07
N SER A 170 -4.94 -9.22 7.23
CA SER A 170 -4.50 -10.45 6.57
C SER A 170 -4.84 -10.46 5.08
N GLN A 171 -5.90 -9.76 4.70
CA GLN A 171 -6.28 -9.69 3.29
C GLN A 171 -5.98 -8.31 2.69
N GLY A 172 -6.60 -7.27 3.22
CA GLY A 172 -6.46 -5.92 2.71
C GLY A 172 -5.02 -5.44 2.61
N ILE A 173 -4.24 -5.63 3.67
CA ILE A 173 -2.84 -5.20 3.66
C ILE A 173 -1.93 -6.26 3.06
N LYS A 174 -1.98 -7.48 3.59
CA LYS A 174 -1.04 -8.54 3.20
C LYS A 174 -1.21 -9.05 1.76
N ASP A 175 -2.46 -9.18 1.31
CA ASP A 175 -2.71 -9.72 -0.02
C ASP A 175 -3.05 -8.64 -1.06
N ILE A 176 -3.98 -7.74 -0.74
CA ILE A 176 -4.58 -6.90 -1.78
C ILE A 176 -3.76 -5.67 -2.15
N THR A 177 -3.37 -4.89 -1.15
CA THR A 177 -2.71 -3.61 -1.40
C THR A 177 -1.21 -3.64 -1.17
N GLY A 178 -0.76 -4.50 -0.25
CA GLY A 178 0.61 -4.43 0.24
C GLY A 178 0.94 -3.09 0.89
N ALA A 179 -0.07 -2.35 1.34
CA ALA A 179 0.14 -1.00 1.91
C ALA A 179 0.55 -1.06 3.39
N ILE A 180 1.72 -1.62 3.63
CA ILE A 180 2.26 -1.80 4.98
C ILE A 180 2.92 -0.49 5.44
N ILE A 181 2.71 -0.11 6.71
CA ILE A 181 3.34 1.08 7.27
C ILE A 181 4.84 0.86 7.55
N SER A 182 5.64 1.89 7.32
CA SER A 182 7.04 1.86 7.72
C SER A 182 7.13 1.92 9.25
N PRO A 183 7.93 1.05 9.86
CA PRO A 183 8.16 1.11 11.31
C PRO A 183 8.71 2.45 11.77
N HIS A 184 9.47 3.15 10.92
CA HIS A 184 9.96 4.49 11.27
C HIS A 184 8.83 5.52 11.30
N ASP A 185 7.97 5.47 10.27
CA ASP A 185 6.82 6.36 10.22
C ASP A 185 5.90 6.05 11.39
N ALA A 186 5.69 4.76 11.68
CA ALA A 186 4.83 4.33 12.79
C ALA A 186 5.31 4.89 14.12
N TRP A 187 6.63 4.85 14.34
CA TRP A 187 7.21 5.35 15.58
C TRP A 187 6.95 6.85 15.72
N LEU A 188 7.24 7.60 14.66
CA LEU A 188 6.96 9.04 14.59
C LEU A 188 5.49 9.38 14.82
N ILE A 189 4.59 8.57 14.24
CA ILE A 189 3.16 8.77 14.43
C ILE A 189 2.78 8.55 15.88
N THR A 190 3.33 7.48 16.48
CA THR A 190 3.13 7.16 17.89
C THR A 190 3.52 8.33 18.79
N ARG A 191 4.64 8.99 18.47
CA ARG A 191 5.09 10.16 19.22
C ARG A 191 4.16 11.35 18.97
N GLY A 192 3.67 11.45 17.73
CA GLY A 192 2.68 12.44 17.36
C GLY A 192 1.42 12.42 18.21
N THR A 193 0.98 11.25 18.68
CA THR A 193 -0.25 11.16 19.48
C THR A 193 -0.15 11.94 20.79
N LEU A 194 1.08 12.16 21.25
CA LEU A 194 1.33 12.89 22.49
C LEU A 194 1.02 14.39 22.41
N THR A 195 0.98 14.92 21.19
CA THR A 195 0.67 16.35 20.96
C THR A 195 -0.59 16.52 20.13
N LEU A 196 -1.26 15.41 19.81
CA LEU A 196 -2.43 15.44 18.95
C LEU A 196 -3.57 16.29 19.52
N ASP A 197 -3.91 16.07 20.79
CA ASP A 197 -4.95 16.85 21.46
C ASP A 197 -4.68 18.35 21.37
N MET A 198 -3.46 18.73 21.71
CA MET A 198 -3.01 20.12 21.66
C MET A 198 -3.12 20.72 20.26
N ARG A 199 -2.59 20.03 19.26
CA ARG A 199 -2.53 20.57 17.89
C ARG A 199 -3.91 20.68 17.25
N VAL A 200 -4.76 19.68 17.48
CA VAL A 200 -6.10 19.68 16.90
C VAL A 200 -6.96 20.78 17.51
N LYS A 201 -6.91 20.91 18.84
CA LYS A 201 -7.73 21.88 19.54
C LYS A 201 -7.30 23.32 19.31
N ARG A 202 -5.99 23.58 19.38
CA ARG A 202 -5.51 24.94 19.07
C ARG A 202 -5.81 25.35 17.62
N ALA A 203 -5.60 24.44 16.67
CA ALA A 203 -5.94 24.75 15.27
C ALA A 203 -7.42 25.05 15.10
N ALA A 204 -8.29 24.24 15.71
CA ALA A 204 -9.74 24.44 15.62
C ALA A 204 -10.16 25.75 16.28
N GLU A 205 -9.58 26.04 17.44
CA GLU A 205 -9.81 27.30 18.14
C GLU A 205 -9.45 28.48 17.26
N ASN A 206 -8.26 28.43 16.67
CA ASN A 206 -7.81 29.44 15.74
C ASN A 206 -8.78 29.52 14.57
N ALA A 207 -9.21 28.36 14.07
CA ALA A 207 -10.04 28.33 12.88
C ALA A 207 -11.40 29.02 13.07
N GLN A 208 -12.05 28.81 14.21
CA GLN A 208 -13.30 29.53 14.53
C GLN A 208 -13.08 31.03 14.39
N LYS A 209 -11.97 31.52 14.96
CA LYS A 209 -11.64 32.94 14.93
C LYS A 209 -11.34 33.45 13.52
N VAL A 210 -10.54 32.68 12.77
CA VAL A 210 -10.23 33.00 11.37
C VAL A 210 -11.53 33.03 10.53
N ALA A 211 -12.36 32.01 10.70
CA ALA A 211 -13.61 31.91 9.96
C ALA A 211 -14.49 33.14 10.20
N GLU A 212 -14.58 33.59 11.45
CA GLU A 212 -15.38 34.77 11.77
C GLU A 212 -14.77 36.05 11.17
N PHE A 213 -13.45 36.14 11.18
CA PHE A 213 -12.77 37.29 10.55
C PHE A 213 -13.09 37.32 9.05
N LEU A 214 -13.00 36.16 8.41
CA LEU A 214 -13.21 36.05 6.96
C LEU A 214 -14.66 36.36 6.60
N HIS A 215 -15.57 35.88 7.45
CA HIS A 215 -17.02 36.09 7.32
C HIS A 215 -17.36 37.58 7.30
N GLU A 216 -16.57 38.38 8.01
CA GLU A 216 -16.83 39.81 8.10
C GLU A 216 -16.03 40.65 7.11
N HIS A 217 -15.03 40.04 6.46
CA HIS A 217 -14.21 40.79 5.50
C HIS A 217 -14.89 41.00 4.15
N LYS A 218 -14.89 42.25 3.67
CA LYS A 218 -15.60 42.61 2.43
C LYS A 218 -15.14 41.83 1.18
N ALA A 219 -13.85 41.53 1.08
CA ALA A 219 -13.30 40.85 -0.10
C ALA A 219 -13.66 39.37 -0.14
N VAL A 220 -14.07 38.83 1.00
CA VAL A 220 -14.42 37.42 1.09
C VAL A 220 -15.91 37.31 0.83
N LYS A 221 -16.28 36.39 -0.04
CA LYS A 221 -17.69 36.22 -0.33
C LYS A 221 -18.25 35.19 0.65
N LYS A 222 -18.57 33.99 0.19
CA LYS A 222 -19.13 33.00 1.08
C LYS A 222 -18.01 32.25 1.80
N VAL A 223 -18.14 32.09 3.12
CA VAL A 223 -17.20 31.27 3.90
C VAL A 223 -17.80 29.91 4.22
N TYR A 224 -17.01 28.86 4.00
CA TYR A 224 -17.44 27.50 4.30
C TYR A 224 -16.69 27.00 5.52
N TYR A 225 -17.38 26.98 6.66
CA TYR A 225 -16.80 26.52 7.92
C TYR A 225 -17.91 26.01 8.85
N PRO A 226 -17.82 24.76 9.28
CA PRO A 226 -18.90 24.15 10.11
C PRO A 226 -19.28 24.92 11.37
N GLY A 227 -18.35 25.68 11.94
CA GLY A 227 -18.62 26.47 13.14
C GLY A 227 -19.42 27.74 12.94
N LEU A 228 -19.62 28.16 11.70
CA LEU A 228 -20.46 29.33 11.43
C LEU A 228 -21.94 28.95 11.41
N PRO A 229 -22.77 29.68 12.15
CA PRO A 229 -24.22 29.45 12.13
C PRO A 229 -24.84 29.54 10.72
N ASP A 230 -24.19 30.26 9.80
CA ASP A 230 -24.61 30.35 8.39
C ASP A 230 -24.29 29.13 7.53
N HIS A 231 -23.45 28.23 8.06
CA HIS A 231 -23.13 26.96 7.38
C HIS A 231 -24.30 26.00 7.59
N PRO A 232 -24.86 25.45 6.51
CA PRO A 232 -26.05 24.59 6.61
C PRO A 232 -25.88 23.43 7.57
N GLY A 233 -24.71 22.80 7.59
CA GLY A 233 -24.51 21.65 8.48
C GLY A 233 -24.15 22.02 9.93
N HIS A 234 -24.26 23.30 10.29
CA HIS A 234 -23.76 23.77 11.58
C HIS A 234 -24.40 23.01 12.74
N GLU A 235 -25.72 22.83 12.69
CA GLU A 235 -26.42 22.14 13.77
C GLU A 235 -26.06 20.65 13.86
N ILE A 236 -25.84 20.03 12.70
CA ILE A 236 -25.35 18.66 12.69
C ILE A 236 -23.94 18.59 13.24
N ALA A 237 -23.09 19.51 12.82
CA ALA A 237 -21.70 19.54 13.26
C ALA A 237 -21.63 19.69 14.77
N LYS A 238 -22.50 20.55 15.33
CA LYS A 238 -22.57 20.79 16.76
C LYS A 238 -22.84 19.53 17.60
N LYS A 239 -23.63 18.61 17.06
CA LYS A 239 -23.93 17.39 17.80
C LYS A 239 -22.90 16.27 17.65
N GLN A 240 -22.07 16.33 16.60
CA GLN A 240 -21.08 15.27 16.36
C GLN A 240 -19.60 15.69 16.38
N MET A 241 -19.35 16.98 16.59
CA MET A 241 -17.97 17.51 16.61
C MET A 241 -17.74 18.32 17.89
N LYS A 242 -16.70 17.99 18.67
CA LYS A 242 -16.40 18.75 19.89
C LYS A 242 -15.94 20.17 19.58
N MET A 243 -15.25 20.32 18.44
CA MET A 243 -14.93 21.62 17.85
C MET A 243 -15.08 21.43 16.34
N PHE A 244 -14.97 22.53 15.59
CA PHE A 244 -15.41 22.48 14.20
C PHE A 244 -14.34 22.23 13.14
N GLY A 245 -13.17 21.75 13.58
CA GLY A 245 -12.04 21.46 12.71
C GLY A 245 -11.19 22.67 12.34
N SER A 246 -10.13 22.46 11.58
CA SER A 246 -9.26 23.59 11.21
C SER A 246 -9.20 23.84 9.69
N MET A 247 -10.07 23.15 8.95
CA MET A 247 -10.21 23.42 7.53
C MET A 247 -11.26 24.49 7.32
N ILE A 248 -10.92 25.48 6.49
CA ILE A 248 -11.86 26.48 6.05
C ILE A 248 -11.77 26.53 4.53
N ALA A 249 -12.90 26.81 3.89
CA ALA A 249 -12.84 27.22 2.50
C ALA A 249 -13.62 28.52 2.38
N PHE A 250 -13.30 29.29 1.35
CA PHE A 250 -14.03 30.53 1.10
C PHE A 250 -13.93 30.93 -0.35
N ASP A 251 -14.99 31.59 -0.82
CA ASP A 251 -15.01 32.19 -2.15
C ASP A 251 -14.49 33.61 -2.11
N VAL A 252 -13.63 33.92 -3.06
CA VAL A 252 -13.39 35.30 -3.44
C VAL A 252 -13.98 35.49 -4.84
N ASP A 253 -14.07 36.99 -5.47
CA ASP A 253 -14.69 37.28 -6.75
C ASP A 253 -13.77 36.88 -7.89
N GLY A 254 -13.69 35.57 -8.18
CA GLY A 254 -12.98 35.10 -9.36
C GLY A 254 -11.56 34.59 -9.17
N LEU A 255 -11.09 33.81 -10.15
CA LEU A 255 -9.79 33.16 -10.09
C LEU A 255 -8.62 34.14 -9.96
N GLU A 256 -8.68 35.23 -10.72
CA GLU A 256 -7.61 36.22 -10.75
C GLU A 256 -7.45 36.90 -9.38
N LYS A 257 -8.57 37.16 -8.71
CA LYS A 257 -8.55 37.71 -7.35
C LYS A 257 -7.93 36.73 -6.34
N ALA A 258 -8.27 35.44 -6.50
CA ALA A 258 -7.66 34.39 -5.67
C ALA A 258 -6.14 34.36 -5.83
N LYS A 259 -5.66 34.42 -7.07
CA LYS A 259 -4.22 34.42 -7.34
C LYS A 259 -3.50 35.59 -6.68
N LYS A 260 -4.11 36.77 -6.73
CA LYS A 260 -3.54 37.97 -6.11
C LYS A 260 -3.47 37.83 -4.60
N VAL A 261 -4.56 37.32 -4.00
CA VAL A 261 -4.59 37.05 -2.55
C VAL A 261 -3.46 36.07 -2.18
N LEU A 262 -3.40 34.93 -2.86
CA LEU A 262 -2.42 33.90 -2.54
C LEU A 262 -0.98 34.37 -2.75
N ASP A 263 -0.78 35.28 -3.72
CA ASP A 263 0.53 35.88 -3.93
C ASP A 263 0.98 36.74 -2.74
N ASN A 264 0.02 37.10 -1.88
CA ASN A 264 0.28 37.96 -0.73
C ASN A 264 0.15 37.30 0.65
N CYS A 265 0.09 35.97 0.67
CA CYS A 265 0.16 35.22 1.91
C CYS A 265 1.62 34.93 2.24
N HIS A 266 1.99 35.24 3.48
CA HIS A 266 3.37 35.11 3.92
C HIS A 266 3.48 34.07 5.04
N VAL A 267 2.82 34.34 6.17
CA VAL A 267 2.80 33.43 7.32
C VAL A 267 2.03 32.15 6.97
N VAL A 268 0.91 32.33 6.29
CA VAL A 268 0.18 31.22 5.68
C VAL A 268 0.88 30.88 4.34
N SER A 269 1.39 29.66 4.23
CA SER A 269 2.16 29.28 3.03
C SER A 269 1.33 28.53 1.99
N LEU A 270 1.70 28.69 0.72
CA LEU A 270 1.11 27.93 -0.37
C LEU A 270 1.52 26.46 -0.28
N ALA A 271 0.58 25.57 -0.58
CA ALA A 271 0.82 24.13 -0.49
C ALA A 271 -0.18 23.38 -1.35
N VAL A 272 0.28 22.29 -1.98
CA VAL A 272 -0.63 21.41 -2.72
C VAL A 272 -1.28 20.37 -1.80
N SER A 273 -0.60 20.03 -0.71
CA SER A 273 -1.17 19.14 0.31
C SER A 273 -1.37 19.88 1.63
N LEU A 274 -2.62 19.99 2.05
CA LEU A 274 -2.95 20.73 3.26
C LEU A 274 -2.91 19.84 4.50
N GLY A 275 -2.95 20.46 5.67
CA GLY A 275 -2.82 19.75 6.93
C GLY A 275 -1.45 19.96 7.55
N GLY A 276 -1.36 19.66 8.84
CA GLY A 276 -0.13 19.92 9.59
C GLY A 276 -0.32 21.11 10.51
N PRO A 277 0.65 21.36 11.38
CA PRO A 277 0.49 22.36 12.46
C PRO A 277 0.79 23.81 12.03
N GLU A 278 1.14 24.00 10.77
CA GLU A 278 1.37 25.33 10.20
C GLU A 278 0.24 25.68 9.24
N SER A 279 -0.11 26.96 9.15
CA SER A 279 -1.18 27.40 8.28
C SER A 279 -0.79 27.27 6.81
N LEU A 280 -1.62 26.57 6.04
CA LEU A 280 -1.39 26.37 4.61
C LEU A 280 -2.63 26.75 3.79
N ILE A 281 -2.40 27.19 2.56
CA ILE A 281 -3.47 27.73 1.72
C ILE A 281 -3.24 27.30 0.26
N GLN A 282 -4.34 27.18 -0.48
CA GLN A 282 -4.28 26.79 -1.88
C GLN A 282 -5.53 27.23 -2.62
N HIS A 283 -5.39 27.31 -3.93
CA HIS A 283 -6.50 27.56 -4.84
C HIS A 283 -6.54 26.31 -5.70
N PRO A 284 -7.44 25.39 -5.37
CA PRO A 284 -7.46 24.06 -6.01
C PRO A 284 -7.55 24.10 -7.54
N ALA A 285 -8.43 24.94 -8.11
CA ALA A 285 -8.66 24.94 -9.56
C ALA A 285 -7.41 25.27 -10.40
N SER A 286 -6.46 25.97 -9.78
CA SER A 286 -5.20 26.30 -10.45
C SER A 286 -4.01 25.51 -9.92
N MET A 287 -4.11 25.06 -8.66
CA MET A 287 -2.95 24.45 -8.00
C MET A 287 -2.94 22.93 -7.94
N THR A 288 -4.12 22.32 -7.78
CA THR A 288 -4.19 20.87 -7.66
C THR A 288 -5.02 20.20 -8.77
N HIS A 289 -6.08 20.88 -9.21
CA HIS A 289 -7.02 20.29 -10.14
C HIS A 289 -6.94 20.91 -11.53
N ALA A 290 -5.82 21.59 -11.80
CA ALA A 290 -5.60 22.26 -13.08
C ALA A 290 -5.75 21.34 -14.30
N GLY A 291 -5.47 20.05 -14.11
CA GLY A 291 -5.57 19.06 -15.19
C GLY A 291 -6.97 18.53 -15.46
N VAL A 292 -7.89 18.81 -14.54
CA VAL A 292 -9.28 18.36 -14.69
C VAL A 292 -10.05 19.40 -15.49
N PRO A 293 -10.79 18.97 -16.52
CA PRO A 293 -11.61 19.89 -17.32
C PRO A 293 -12.49 20.75 -16.43
N LYS A 294 -12.52 22.06 -16.70
CA LYS A 294 -13.23 23.04 -15.87
C LYS A 294 -14.66 22.62 -15.48
N GLU A 295 -15.44 22.23 -16.47
CA GLU A 295 -16.84 21.85 -16.27
C GLU A 295 -16.99 20.63 -15.35
N GLU A 296 -15.98 19.76 -15.37
CA GLU A 296 -15.97 18.58 -14.51
C GLU A 296 -15.65 18.94 -13.06
N ARG A 297 -14.74 19.89 -12.86
CA ARG A 297 -14.45 20.43 -11.53
C ARG A 297 -15.74 21.01 -10.95
N GLU A 298 -16.45 21.77 -11.77
CA GLU A 298 -17.66 22.50 -11.38
C GLU A 298 -18.86 21.59 -11.09
N ALA A 299 -19.03 20.56 -11.92
CA ALA A 299 -20.07 19.56 -11.69
C ALA A 299 -19.87 18.89 -10.32
N ALA A 300 -18.60 18.72 -9.93
CA ALA A 300 -18.23 18.08 -8.66
C ALA A 300 -18.12 19.04 -7.47
N GLY A 301 -18.53 20.30 -7.65
CA GLY A 301 -18.58 21.25 -6.55
C GLY A 301 -17.31 22.06 -6.32
N LEU A 302 -16.40 22.06 -7.30
CA LEU A 302 -15.19 22.84 -7.20
C LEU A 302 -15.20 23.96 -8.24
N THR A 303 -15.29 25.21 -7.79
CA THR A 303 -15.29 26.36 -8.70
C THR A 303 -13.94 27.06 -8.68
N ASP A 304 -13.78 27.98 -9.63
CA ASP A 304 -12.58 28.80 -9.75
C ASP A 304 -12.54 29.93 -8.70
N ASN A 305 -13.62 30.06 -7.92
CA ASN A 305 -13.67 31.05 -6.83
C ASN A 305 -13.01 30.55 -5.54
N LEU A 306 -12.86 29.24 -5.41
CA LEU A 306 -12.59 28.60 -4.12
C LEU A 306 -11.13 28.59 -3.65
N ILE A 307 -10.91 29.08 -2.42
CA ILE A 307 -9.64 28.97 -1.73
C ILE A 307 -9.82 28.02 -0.54
N ARG A 308 -8.87 27.11 -0.34
CA ARG A 308 -8.91 26.20 0.80
C ARG A 308 -7.80 26.58 1.75
N LEU A 309 -8.15 26.70 3.03
CA LEU A 309 -7.23 27.12 4.06
C LEU A 309 -7.19 26.09 5.17
N SER A 310 -6.00 25.55 5.43
CA SER A 310 -5.78 24.67 6.56
C SER A 310 -5.14 25.51 7.67
N VAL A 311 -5.90 25.78 8.72
CA VAL A 311 -5.45 26.68 9.80
C VAL A 311 -4.49 25.94 10.73
N GLY A 312 -3.34 26.57 11.01
CA GLY A 312 -2.34 25.95 11.87
C GLY A 312 -2.39 26.44 13.31
N CYS A 313 -1.31 26.18 14.05
CA CYS A 313 -1.28 26.47 15.47
C CYS A 313 -0.52 27.75 15.83
N GLU A 314 -0.21 28.57 14.83
CA GLU A 314 0.46 29.87 15.05
C GLU A 314 -0.44 30.78 15.90
N ASN A 315 0.14 31.85 16.44
CA ASN A 315 -0.66 32.91 17.07
C ASN A 315 -1.75 33.33 16.09
N VAL A 316 -3.01 33.28 16.52
CA VAL A 316 -4.14 33.54 15.63
C VAL A 316 -4.10 34.95 15.01
N GLN A 317 -3.61 35.91 15.79
CA GLN A 317 -3.52 37.29 15.32
C GLN A 317 -2.56 37.42 14.14
N ASP A 318 -1.45 36.68 14.18
CA ASP A 318 -0.50 36.65 13.05
C ASP A 318 -1.14 36.10 11.79
N ILE A 319 -1.97 35.06 11.95
CA ILE A 319 -2.66 34.47 10.82
C ILE A 319 -3.65 35.49 10.26
N ILE A 320 -4.45 36.10 11.13
CA ILE A 320 -5.42 37.10 10.71
C ILE A 320 -4.72 38.30 10.03
N ASP A 321 -3.63 38.76 10.63
CA ASP A 321 -2.86 39.88 10.06
C ASP A 321 -2.44 39.61 8.61
N ASP A 322 -1.93 38.42 8.36
CA ASP A 322 -1.47 37.99 7.04
C ASP A 322 -2.59 38.02 6.01
N LEU A 323 -3.72 37.41 6.37
CA LEU A 323 -4.85 37.31 5.45
C LEU A 323 -5.49 38.66 5.18
N LYS A 324 -5.58 39.49 6.22
CA LYS A 324 -6.18 40.82 6.10
C LYS A 324 -5.43 41.67 5.08
N GLN A 325 -4.10 41.68 5.17
CA GLN A 325 -3.25 42.40 4.25
C GLN A 325 -3.45 41.91 2.80
N ALA A 326 -3.51 40.60 2.62
CA ALA A 326 -3.69 39.98 1.30
C ALA A 326 -5.07 40.29 0.71
N LEU A 327 -6.11 40.09 1.51
CA LEU A 327 -7.48 40.31 1.08
C LEU A 327 -7.80 41.77 0.80
N ASP A 328 -7.25 42.69 1.60
CA ASP A 328 -7.45 44.14 1.40
C ASP A 328 -7.02 44.61 0.00
N LEU A 329 -6.04 43.92 -0.58
CA LEU A 329 -5.52 44.29 -1.90
C LEU A 329 -6.49 43.99 -3.04
N VAL A 330 -7.45 43.13 -2.76
CA VAL A 330 -8.38 42.66 -3.79
C VAL A 330 -9.74 43.38 -3.65
N LEU A 331 -9.77 44.33 -2.72
CA LEU A 331 -10.89 45.25 -2.56
C LEU A 331 -10.97 46.20 -3.75
N SER B 1 12.51 9.82 -6.26
CA SER B 1 12.85 9.30 -7.61
C SER B 1 14.35 9.26 -7.88
N ALA B 2 15.15 9.75 -6.93
CA ALA B 2 16.58 9.48 -6.94
C ALA B 2 16.78 7.97 -6.81
N LEU B 3 16.03 7.37 -5.89
CA LEU B 3 16.03 5.92 -5.74
C LEU B 3 15.54 5.25 -7.01
N GLU B 4 14.41 5.73 -7.53
CA GLU B 4 13.81 5.13 -8.71
C GLU B 4 14.74 5.16 -9.90
N GLY B 5 15.46 6.27 -10.08
CA GLY B 5 16.42 6.39 -11.16
C GLY B 5 17.57 5.40 -11.06
N LYS B 6 18.07 5.21 -9.84
CA LYS B 6 19.13 4.24 -9.58
C LYS B 6 18.69 2.82 -9.86
N ILE B 7 17.50 2.45 -9.38
CA ILE B 7 16.99 1.08 -9.55
C ILE B 7 16.67 0.79 -11.03
N ALA B 8 16.08 1.77 -11.70
CA ALA B 8 15.81 1.66 -13.14
C ALA B 8 17.09 1.35 -13.93
N LYS B 9 18.16 2.08 -13.64
CA LYS B 9 19.45 1.83 -14.28
C LYS B 9 19.94 0.41 -13.96
N LEU B 10 19.82 0.01 -12.70
CA LEU B 10 20.22 -1.33 -12.24
C LEU B 10 19.48 -2.46 -12.93
N GLU B 11 18.20 -2.24 -13.24
CA GLU B 11 17.38 -3.26 -13.92
C GLU B 11 17.27 -3.08 -15.42
N HIS B 12 18.01 -2.12 -15.96
CA HIS B 12 18.03 -1.87 -17.40
C HIS B 12 16.64 -1.44 -17.88
N ALA B 13 15.98 -0.60 -17.08
CA ALA B 13 14.60 -0.19 -17.31
C ALA B 13 14.55 1.30 -17.60
N GLU B 14 13.51 1.73 -18.34
CA GLU B 14 13.28 3.15 -18.56
C GLU B 14 12.96 3.87 -17.25
N ALA B 15 12.20 3.20 -16.40
CA ALA B 15 11.65 3.86 -15.22
C ALA B 15 11.38 2.88 -14.10
N CYS B 16 11.20 3.42 -12.90
CA CYS B 16 10.91 2.62 -11.72
C CYS B 16 9.89 3.32 -10.82
N ALA B 17 9.06 2.52 -10.16
CA ALA B 17 8.16 3.04 -9.14
C ALA B 17 8.44 2.32 -7.83
N ALA B 18 8.80 3.09 -6.80
CA ALA B 18 8.98 2.52 -5.46
C ALA B 18 7.64 2.42 -4.72
N THR B 19 7.49 1.35 -3.94
CA THR B 19 6.26 1.10 -3.19
C THR B 19 6.56 0.70 -1.75
N ALA B 20 5.50 0.54 -0.97
CA ALA B 20 5.56 0.25 0.46
C ALA B 20 6.05 -1.16 0.79
N SER B 21 5.96 -2.08 -0.17
CA SER B 21 6.32 -3.48 0.06
C SER B 21 6.37 -4.26 -1.25
N GLY B 22 6.97 -5.45 -1.19
CA GLY B 22 7.01 -6.34 -2.35
C GLY B 22 5.60 -6.67 -2.84
N MET B 23 4.70 -6.95 -1.90
CA MET B 23 3.30 -7.20 -2.26
C MET B 23 2.68 -5.96 -2.95
N GLY B 24 3.04 -4.77 -2.46
CA GLY B 24 2.66 -3.50 -3.08
C GLY B 24 3.09 -3.38 -4.54
N ALA B 25 4.32 -3.80 -4.83
CA ALA B 25 4.84 -3.79 -6.20
C ALA B 25 4.02 -4.71 -7.11
N ILE B 26 3.79 -5.92 -6.63
CA ILE B 26 3.03 -6.93 -7.37
C ILE B 26 1.61 -6.43 -7.58
N ALA B 27 0.97 -6.00 -6.50
CA ALA B 27 -0.41 -5.53 -6.56
C ALA B 27 -0.58 -4.29 -7.45
N ALA B 28 0.30 -3.29 -7.30
CA ALA B 28 0.20 -2.09 -8.13
C ALA B 28 0.39 -2.39 -9.62
N SER B 29 1.13 -3.45 -9.95
CA SER B 29 1.26 -3.87 -11.34
C SER B 29 -0.02 -4.59 -11.81
N VAL B 30 -0.41 -5.64 -11.11
CA VAL B 30 -1.49 -6.50 -11.62
C VAL B 30 -2.86 -5.81 -11.64
N TRP B 31 -3.24 -5.14 -10.54
CA TRP B 31 -4.55 -4.46 -10.49
C TRP B 31 -4.66 -3.36 -11.56
N THR B 32 -3.53 -2.73 -11.89
CA THR B 32 -3.52 -1.63 -12.86
C THR B 32 -3.91 -2.10 -14.25
N PHE B 33 -3.47 -3.30 -14.60
CA PHE B 33 -3.60 -3.74 -15.99
C PHE B 33 -4.64 -4.82 -16.23
N LEU B 34 -5.38 -5.16 -15.18
CA LEU B 34 -6.44 -6.15 -15.30
C LEU B 34 -7.80 -5.47 -15.19
N LYS B 35 -8.84 -6.19 -15.58
CA LYS B 35 -10.21 -5.77 -15.35
C LYS B 35 -11.05 -7.04 -15.26
N ALA B 36 -12.27 -6.94 -14.76
CA ALA B 36 -13.17 -8.11 -14.75
C ALA B 36 -13.25 -8.72 -16.15
N GLY B 37 -13.13 -10.04 -16.22
CA GLY B 37 -13.22 -10.76 -17.47
C GLY B 37 -11.88 -11.08 -18.11
N ASP B 38 -10.81 -10.50 -17.56
CA ASP B 38 -9.45 -10.76 -18.02
C ASP B 38 -8.96 -12.09 -17.47
N HIS B 39 -7.83 -12.57 -17.98
CA HIS B 39 -7.27 -13.86 -17.58
C HIS B 39 -5.80 -13.69 -17.23
N LEU B 40 -5.36 -14.33 -16.15
CA LEU B 40 -3.97 -14.29 -15.73
C LEU B 40 -3.44 -15.71 -15.61
N ILE B 41 -2.27 -15.96 -16.19
CA ILE B 41 -1.57 -17.22 -16.02
C ILE B 41 -0.41 -17.03 -15.03
N SER B 42 -0.41 -17.85 -13.98
CA SER B 42 0.67 -17.82 -13.00
C SER B 42 1.37 -19.17 -12.92
N ASP B 43 2.67 -19.12 -12.61
CA ASP B 43 3.37 -20.32 -12.21
C ASP B 43 2.80 -20.86 -10.89
N ASP B 44 2.93 -22.16 -10.65
CA ASP B 44 2.38 -22.79 -9.45
C ASP B 44 3.29 -22.72 -8.23
N CYS B 45 4.51 -22.21 -8.40
CA CYS B 45 5.46 -22.09 -7.30
C CYS B 45 5.59 -20.65 -6.87
N LEU B 46 4.72 -20.21 -5.97
CA LEU B 46 4.66 -18.79 -5.62
C LEU B 46 4.86 -18.51 -4.13
N TYR B 47 5.41 -17.33 -3.85
CA TYR B 47 5.40 -16.79 -2.50
C TYR B 47 3.96 -16.80 -2.00
N GLY B 48 3.76 -17.31 -0.79
CA GLY B 48 2.43 -17.50 -0.21
C GLY B 48 1.44 -16.36 -0.41
N CYS B 49 1.87 -15.14 -0.15
CA CYS B 49 0.99 -13.98 -0.29
C CYS B 49 0.59 -13.68 -1.74
N THR B 50 1.52 -13.91 -2.67
CA THR B 50 1.23 -13.78 -4.10
C THR B 50 0.14 -14.77 -4.51
N HIS B 51 0.29 -16.02 -4.07
CA HIS B 51 -0.69 -17.06 -4.38
C HIS B 51 -2.08 -16.63 -3.92
N ALA B 52 -2.18 -16.10 -2.70
CA ALA B 52 -3.46 -15.67 -2.14
C ALA B 52 -4.07 -14.49 -2.92
N LEU B 53 -3.22 -13.53 -3.29
CA LEU B 53 -3.65 -12.41 -4.14
C LEU B 53 -4.30 -12.95 -5.43
N PHE B 54 -3.63 -13.88 -6.09
CA PHE B 54 -4.14 -14.47 -7.34
C PHE B 54 -5.34 -15.39 -7.11
N GLU B 55 -5.18 -16.36 -6.20
CA GLU B 55 -6.19 -17.40 -5.99
C GLU B 55 -7.50 -16.87 -5.41
N HIS B 56 -7.40 -15.91 -4.51
CA HIS B 56 -8.58 -15.43 -3.81
C HIS B 56 -9.06 -14.07 -4.27
N GLN B 57 -8.15 -13.09 -4.29
CA GLN B 57 -8.51 -11.71 -4.54
C GLN B 57 -8.81 -11.39 -6.01
N LEU B 58 -7.92 -11.79 -6.92
CA LEU B 58 -8.19 -11.55 -8.34
C LEU B 58 -9.50 -12.21 -8.76
N ARG B 59 -9.67 -13.46 -8.33
CA ARG B 59 -10.87 -14.24 -8.68
C ARG B 59 -12.15 -13.62 -8.12
N LYS B 60 -12.04 -13.03 -6.93
CA LYS B 60 -13.15 -12.36 -6.27
C LYS B 60 -13.68 -11.23 -7.16
N PHE B 61 -12.79 -10.62 -7.95
CA PHE B 61 -13.14 -9.48 -8.80
C PHE B 61 -13.25 -9.83 -10.28
N GLY B 62 -13.59 -11.09 -10.57
CA GLY B 62 -13.95 -11.53 -11.90
C GLY B 62 -12.79 -11.82 -12.84
N VAL B 63 -11.58 -11.97 -12.28
CA VAL B 63 -10.41 -12.32 -13.06
C VAL B 63 -10.23 -13.85 -13.05
N GLU B 64 -10.09 -14.43 -14.25
CA GLU B 64 -9.81 -15.86 -14.40
C GLU B 64 -8.33 -16.13 -14.15
N VAL B 65 -8.02 -17.18 -13.39
CA VAL B 65 -6.64 -17.46 -13.05
C VAL B 65 -6.34 -18.94 -13.26
N ASP B 66 -5.26 -19.22 -13.99
CA ASP B 66 -4.69 -20.56 -14.04
C ASP B 66 -3.33 -20.59 -13.36
N PHE B 67 -3.13 -21.56 -12.48
CA PHE B 67 -1.81 -21.85 -11.93
C PHE B 67 -1.26 -23.06 -12.67
N ILE B 68 -0.09 -22.92 -13.27
CA ILE B 68 0.49 -24.00 -14.09
C ILE B 68 1.99 -24.13 -13.83
N ASP B 69 2.55 -25.30 -14.14
CA ASP B 69 4.00 -25.44 -14.00
C ASP B 69 4.66 -24.82 -15.22
N MET B 70 5.23 -23.62 -15.04
CA MET B 70 5.83 -22.92 -16.18
C MET B 70 7.17 -23.48 -16.66
N ALA B 71 7.75 -24.41 -15.89
CA ALA B 71 8.97 -25.10 -16.33
C ALA B 71 8.68 -26.21 -17.36
N VAL B 72 7.41 -26.54 -17.56
CA VAL B 72 7.02 -27.52 -18.60
C VAL B 72 6.99 -26.80 -19.95
N PRO B 73 7.75 -27.28 -20.93
CA PRO B 73 7.77 -26.65 -22.26
C PRO B 73 6.38 -26.61 -22.88
N GLY B 74 6.03 -25.46 -23.47
CA GLY B 74 4.75 -25.29 -24.15
C GLY B 74 3.55 -25.00 -23.25
N ASN B 75 3.75 -25.04 -21.94
CA ASN B 75 2.65 -24.96 -20.99
C ASN B 75 1.95 -23.60 -20.96
N ILE B 76 2.72 -22.54 -21.17
CA ILE B 76 2.14 -21.20 -21.25
C ILE B 76 1.28 -21.06 -22.51
N GLU B 77 1.80 -21.41 -23.67
CA GLU B 77 0.96 -21.24 -24.86
C GLU B 77 -0.28 -22.12 -24.82
N LYS B 78 -0.12 -23.31 -24.25
CA LYS B 78 -1.23 -24.25 -24.05
C LYS B 78 -2.39 -23.60 -23.29
N HIS B 79 -2.06 -22.73 -22.33
CA HIS B 79 -3.06 -22.10 -21.49
C HIS B 79 -3.51 -20.69 -21.93
N LEU B 80 -2.96 -20.20 -23.04
CA LEU B 80 -3.38 -18.91 -23.58
C LEU B 80 -4.84 -18.92 -24.00
N LYS B 81 -5.55 -17.84 -23.65
CA LYS B 81 -6.95 -17.65 -24.06
C LYS B 81 -7.10 -16.25 -24.67
N PRO B 82 -8.21 -15.99 -25.37
CA PRO B 82 -8.44 -14.67 -25.98
C PRO B 82 -8.38 -13.51 -25.00
N ASN B 83 -8.66 -13.78 -23.73
CA ASN B 83 -8.66 -12.76 -22.69
C ASN B 83 -7.40 -12.73 -21.80
N THR B 84 -6.39 -13.51 -22.18
CA THR B 84 -5.14 -13.54 -21.43
C THR B 84 -4.48 -12.17 -21.47
N ARG B 85 -4.20 -11.64 -20.29
CA ARG B 85 -3.65 -10.31 -20.13
C ARG B 85 -2.27 -10.30 -19.49
N ILE B 86 -2.04 -11.26 -18.58
CA ILE B 86 -0.79 -11.31 -17.79
C ILE B 86 -0.27 -12.73 -17.65
N VAL B 87 1.06 -12.87 -17.77
CA VAL B 87 1.78 -14.10 -17.46
C VAL B 87 2.76 -13.72 -16.36
N TYR B 88 2.63 -14.37 -15.21
CA TYR B 88 3.41 -14.04 -14.01
C TYR B 88 4.21 -15.23 -13.48
N PHE B 89 5.47 -14.98 -13.14
CA PHE B 89 6.25 -15.99 -12.42
C PHE B 89 7.42 -15.41 -11.65
N GLU B 90 7.96 -16.21 -10.72
CA GLU B 90 9.23 -15.93 -10.06
C GLU B 90 10.22 -16.96 -10.57
N THR B 91 11.49 -16.56 -10.72
CA THR B 91 12.53 -17.55 -10.91
C THR B 91 13.74 -17.14 -10.07
N PRO B 92 14.58 -18.11 -9.73
CA PRO B 92 14.36 -19.20 -8.78
C PRO B 92 13.08 -19.03 -7.97
N ALA B 93 12.19 -20.00 -8.08
CA ALA B 93 10.85 -19.90 -7.53
C ALA B 93 10.76 -20.42 -6.10
N ASN B 94 9.63 -20.11 -5.47
CA ASN B 94 9.10 -20.71 -4.23
C ASN B 94 10.07 -21.45 -3.35
N PRO B 95 9.65 -22.54 -2.70
CA PRO B 95 10.47 -23.11 -1.63
C PRO B 95 11.59 -23.94 -2.22
N THR B 96 11.43 -24.45 -3.44
CA THR B 96 12.39 -25.43 -3.97
C THR B 96 13.28 -24.91 -5.10
N LEU B 97 13.24 -23.59 -5.33
CA LEU B 97 14.14 -22.90 -6.25
C LEU B 97 14.03 -23.44 -7.67
N LYS B 98 12.80 -23.74 -8.08
CA LYS B 98 12.54 -24.17 -9.46
C LYS B 98 12.95 -23.04 -10.40
N VAL B 99 13.70 -23.38 -11.45
CA VAL B 99 14.18 -22.39 -12.40
C VAL B 99 13.26 -22.38 -13.63
N ILE B 100 12.89 -21.18 -14.09
CA ILE B 100 12.06 -21.03 -15.26
C ILE B 100 12.81 -20.23 -16.30
N ASP B 101 12.90 -20.77 -17.52
CA ASP B 101 13.58 -20.11 -18.62
C ASP B 101 12.80 -18.85 -19.03
N ILE B 102 13.38 -17.68 -18.74
CA ILE B 102 12.69 -16.40 -18.93
C ILE B 102 12.41 -16.10 -20.41
N GLU B 103 13.46 -16.20 -21.22
CA GLU B 103 13.34 -16.00 -22.66
C GLU B 103 12.27 -16.92 -23.26
N ASP B 104 12.25 -18.18 -22.84
CA ASP B 104 11.27 -19.13 -23.34
C ASP B 104 9.84 -18.81 -22.91
N ALA B 105 9.67 -18.38 -21.65
CA ALA B 105 8.36 -17.95 -21.18
C ALA B 105 7.85 -16.74 -21.97
N VAL B 106 8.74 -15.78 -22.23
CA VAL B 106 8.39 -14.60 -23.03
C VAL B 106 7.99 -15.02 -24.46
N LYS B 107 8.75 -15.93 -25.04
CA LYS B 107 8.45 -16.41 -26.40
C LYS B 107 7.06 -17.02 -26.52
N GLN B 108 6.65 -17.78 -25.50
CA GLN B 108 5.30 -18.34 -25.48
C GLN B 108 4.23 -17.26 -25.33
N ALA B 109 4.46 -16.31 -24.41
CA ALA B 109 3.50 -15.20 -24.24
C ALA B 109 3.35 -14.36 -25.52
N ARG B 110 4.44 -14.20 -26.26
CA ARG B 110 4.43 -13.38 -27.48
C ARG B 110 3.69 -14.02 -28.64
N LYS B 111 3.08 -15.18 -28.42
CA LYS B 111 2.20 -15.79 -29.41
C LYS B 111 0.91 -14.99 -29.60
N GLN B 112 0.57 -14.16 -28.59
CA GLN B 112 -0.61 -13.32 -28.65
C GLN B 112 -0.27 -11.88 -28.29
N LYS B 113 -1.10 -10.94 -28.74
CA LYS B 113 -0.87 -9.52 -28.48
C LYS B 113 -1.18 -9.14 -27.04
N ASP B 114 -0.54 -8.07 -26.58
CA ASP B 114 -0.91 -7.39 -25.34
C ASP B 114 -0.92 -8.30 -24.12
N ILE B 115 0.08 -9.16 -24.01
CA ILE B 115 0.27 -9.91 -22.78
C ILE B 115 1.42 -9.27 -22.05
N LEU B 116 1.17 -8.87 -20.81
CA LEU B 116 2.25 -8.40 -19.96
C LEU B 116 2.91 -9.57 -19.24
N VAL B 117 4.19 -9.76 -19.50
CA VAL B 117 4.97 -10.73 -18.75
C VAL B 117 5.56 -9.99 -17.56
N ILE B 118 5.26 -10.49 -16.37
CA ILE B 118 5.73 -9.90 -15.12
C ILE B 118 6.55 -10.92 -14.34
N VAL B 119 7.77 -10.55 -13.97
CA VAL B 119 8.66 -11.45 -13.26
C VAL B 119 9.10 -10.84 -11.94
N ASP B 120 8.92 -11.60 -10.86
CA ASP B 120 9.43 -11.23 -9.56
C ASP B 120 10.91 -11.62 -9.51
N ASN B 121 11.78 -10.62 -9.55
CA ASN B 121 13.23 -10.80 -9.60
C ASN B 121 13.89 -10.65 -8.21
N THR B 122 13.10 -10.76 -7.15
CA THR B 122 13.56 -10.52 -5.79
C THR B 122 14.81 -11.36 -5.45
N PHE B 123 14.72 -12.67 -5.69
CA PHE B 123 15.74 -13.62 -5.27
C PHE B 123 17.04 -13.49 -6.08
N ALA B 124 16.92 -13.25 -7.39
CA ALA B 124 18.12 -13.07 -8.22
C ALA B 124 18.73 -11.67 -8.03
N SER B 125 17.87 -10.65 -7.92
CA SER B 125 18.29 -9.25 -7.80
C SER B 125 18.73 -8.71 -9.16
N PRO B 126 18.76 -7.38 -9.32
CA PRO B 126 19.23 -6.78 -10.58
C PRO B 126 20.71 -7.07 -10.84
N ILE B 127 21.47 -7.47 -9.82
CA ILE B 127 22.88 -7.79 -10.00
C ILE B 127 23.10 -9.09 -10.79
N LEU B 128 22.19 -10.04 -10.68
CA LEU B 128 22.40 -11.37 -11.27
C LEU B 128 21.56 -11.66 -12.52
N THR B 129 20.33 -11.14 -12.56
CA THR B 129 19.44 -11.37 -13.70
C THR B 129 18.72 -10.07 -14.02
N ASN B 130 18.57 -9.76 -15.30
CA ASN B 130 17.80 -8.60 -15.72
C ASN B 130 16.74 -9.04 -16.71
N PRO B 131 15.57 -9.46 -16.22
CA PRO B 131 14.54 -10.04 -17.09
C PRO B 131 14.11 -9.13 -18.25
N LEU B 132 14.16 -7.81 -18.08
CA LEU B 132 13.72 -6.89 -19.12
C LEU B 132 14.58 -7.03 -20.38
N ASP B 133 15.84 -7.42 -20.18
CA ASP B 133 16.74 -7.69 -21.30
C ASP B 133 16.24 -8.85 -22.15
N LEU B 134 15.45 -9.74 -21.52
CA LEU B 134 14.95 -10.95 -22.19
C LEU B 134 13.48 -10.83 -22.66
N GLY B 135 12.98 -9.60 -22.71
CA GLY B 135 11.65 -9.34 -23.26
C GLY B 135 10.51 -9.24 -22.26
N VAL B 136 10.81 -9.43 -20.98
CA VAL B 136 9.82 -9.26 -19.90
C VAL B 136 9.32 -7.80 -19.90
N ASP B 137 8.05 -7.61 -19.55
CA ASP B 137 7.46 -6.27 -19.56
C ASP B 137 7.68 -5.50 -18.28
N ILE B 138 7.47 -6.18 -17.15
CA ILE B 138 7.57 -5.56 -15.84
C ILE B 138 8.36 -6.46 -14.92
N VAL B 139 9.28 -5.88 -14.15
CA VAL B 139 9.99 -6.60 -13.11
C VAL B 139 9.58 -6.01 -11.76
N VAL B 140 9.34 -6.88 -10.78
CA VAL B 140 9.03 -6.45 -9.42
C VAL B 140 10.04 -7.01 -8.43
N HIS B 141 10.25 -6.28 -7.32
CA HIS B 141 11.11 -6.72 -6.23
C HIS B 141 10.47 -6.44 -4.87
N SER B 142 10.74 -7.32 -3.92
CA SER B 142 10.75 -6.93 -2.53
C SER B 142 12.15 -6.41 -2.22
N ALA B 143 12.27 -5.22 -1.65
CA ALA B 143 13.59 -4.66 -1.35
C ALA B 143 14.29 -5.35 -0.17
N THR B 144 13.55 -6.20 0.53
CA THR B 144 14.01 -6.80 1.78
C THR B 144 15.17 -7.82 1.62
N LYS B 145 15.24 -8.48 0.47
CA LYS B 145 16.24 -9.52 0.27
C LYS B 145 17.65 -9.00 -0.01
N TYR B 146 17.77 -7.99 -0.86
CA TYR B 146 19.09 -7.44 -1.18
C TYR B 146 19.14 -5.93 -1.19
N ILE B 147 18.15 -5.32 -1.82
CA ILE B 147 18.22 -3.90 -2.19
C ILE B 147 18.31 -2.95 -0.99
N ASN B 148 17.71 -3.34 0.13
CA ASN B 148 17.65 -2.49 1.33
C ASN B 148 18.98 -2.25 2.06
N GLY B 149 19.89 -3.22 1.95
N GLY B 149 19.88 -3.23 1.96
CA GLY B 149 21.22 -3.11 2.52
C GLY B 149 21.31 -2.99 4.03
N HIS B 150 20.34 -3.55 4.76
CA HIS B 150 20.30 -3.47 6.23
C HIS B 150 19.17 -4.35 6.82
N THR B 151 17.92 -3.94 6.56
CA THR B 151 16.68 -4.59 7.04
C THR B 151 15.95 -3.76 8.12
N ASP B 152 14.91 -4.36 8.70
CA ASP B 152 13.82 -3.66 9.41
C ASP B 152 13.06 -2.72 8.48
N VAL B 153 13.40 -2.81 7.19
CA VAL B 153 12.90 -1.89 6.18
C VAL B 153 12.17 -2.68 5.09
N VAL B 154 10.89 -2.36 4.93
CA VAL B 154 10.06 -3.04 3.95
C VAL B 154 9.71 -2.04 2.84
N ALA B 155 9.89 -2.47 1.60
CA ALA B 155 9.65 -1.63 0.43
C ALA B 155 9.62 -2.53 -0.78
N GLY B 156 9.00 -2.06 -1.86
CA GLY B 156 8.97 -2.80 -3.10
C GLY B 156 9.41 -1.92 -4.25
N LEU B 157 9.72 -2.55 -5.38
CA LEU B 157 10.08 -1.81 -6.59
C LEU B 157 9.41 -2.42 -7.84
N VAL B 158 8.98 -1.55 -8.74
CA VAL B 158 8.43 -1.94 -10.03
C VAL B 158 9.28 -1.27 -11.09
N CYS B 159 9.78 -2.04 -12.04
CA CYS B 159 10.60 -1.47 -13.12
C CYS B 159 10.05 -1.85 -14.48
N SER B 160 9.93 -0.85 -15.34
CA SER B 160 9.31 -1.05 -16.65
C SER B 160 9.55 0.12 -17.59
N ARG B 161 8.92 0.07 -18.77
CA ARG B 161 8.80 1.22 -19.66
C ARG B 161 8.17 2.41 -18.93
N ALA B 162 8.57 3.62 -19.33
CA ALA B 162 8.02 4.86 -18.75
C ALA B 162 6.48 4.97 -18.77
N ASP B 163 5.86 4.54 -19.87
CA ASP B 163 4.40 4.62 -19.99
C ASP B 163 3.66 3.62 -19.10
N ILE B 164 4.28 2.45 -18.90
CA ILE B 164 3.75 1.48 -17.94
C ILE B 164 3.89 2.02 -16.51
N ILE B 165 5.07 2.52 -16.17
CA ILE B 165 5.31 3.05 -14.82
C ILE B 165 4.41 4.25 -14.49
N ALA B 166 4.16 5.12 -15.48
CA ALA B 166 3.24 6.24 -15.31
C ALA B 166 1.86 5.78 -14.80
N LYS B 167 1.37 4.69 -15.38
CA LYS B 167 0.10 4.07 -14.98
C LYS B 167 0.20 3.35 -13.65
N VAL B 168 1.31 2.64 -13.43
CA VAL B 168 1.55 2.01 -12.14
C VAL B 168 1.53 3.03 -11.00
N LYS B 169 2.13 4.20 -11.24
CA LYS B 169 2.18 5.25 -10.21
C LYS B 169 0.83 5.96 -10.00
N SER B 170 0.27 6.49 -11.08
CA SER B 170 -0.97 7.27 -11.01
C SER B 170 -2.21 6.40 -10.67
N GLN B 171 -2.20 5.14 -11.08
CA GLN B 171 -3.32 4.25 -10.80
C GLN B 171 -2.99 3.22 -9.72
N GLY B 172 -2.00 2.37 -9.99
CA GLY B 172 -1.67 1.28 -9.10
C GLY B 172 -1.35 1.72 -7.68
N ILE B 173 -0.52 2.74 -7.57
CA ILE B 173 -0.12 3.28 -6.26
C ILE B 173 -1.13 4.30 -5.74
N LYS B 174 -1.39 5.34 -6.50
CA LYS B 174 -2.18 6.46 -5.98
C LYS B 174 -3.67 6.17 -5.82
N ASP B 175 -4.23 5.33 -6.69
CA ASP B 175 -5.67 5.05 -6.66
C ASP B 175 -5.97 3.70 -5.98
N ILE B 176 -5.35 2.64 -6.49
CA ILE B 176 -5.73 1.27 -6.14
C ILE B 176 -5.20 0.78 -4.79
N THR B 177 -3.87 0.82 -4.59
CA THR B 177 -3.27 0.22 -3.42
C THR B 177 -2.97 1.19 -2.29
N GLY B 178 -2.62 2.43 -2.63
CA GLY B 178 -2.05 3.35 -1.65
C GLY B 178 -0.73 2.85 -1.06
N ALA B 179 -0.03 1.96 -1.77
CA ALA B 179 1.22 1.37 -1.24
C ALA B 179 2.41 2.26 -1.53
N ILE B 180 2.35 3.46 -0.94
CA ILE B 180 3.33 4.53 -1.15
C ILE B 180 4.54 4.25 -0.27
N ILE B 181 5.75 4.33 -0.82
CA ILE B 181 6.96 4.15 0.00
C ILE B 181 7.16 5.30 0.98
N SER B 182 7.66 4.99 2.17
CA SER B 182 8.05 6.01 3.14
C SER B 182 9.31 6.74 2.66
N PRO B 183 9.33 8.07 2.78
CA PRO B 183 10.53 8.86 2.48
C PRO B 183 11.76 8.35 3.25
N HIS B 184 11.54 7.91 4.48
CA HIS B 184 12.60 7.41 5.34
C HIS B 184 13.16 6.06 4.87
N ASP B 185 12.27 5.14 4.50
CA ASP B 185 12.67 3.85 3.96
C ASP B 185 13.32 3.99 2.58
N ALA B 186 12.82 4.92 1.77
CA ALA B 186 13.41 5.21 0.45
C ALA B 186 14.87 5.68 0.57
N TRP B 187 15.15 6.51 1.58
CA TRP B 187 16.51 6.98 1.85
C TRP B 187 17.41 5.79 2.18
N LEU B 188 16.92 4.91 3.04
CA LEU B 188 17.63 3.72 3.46
C LEU B 188 17.87 2.70 2.33
N ILE B 189 16.90 2.54 1.43
CA ILE B 189 17.10 1.71 0.24
C ILE B 189 18.22 2.30 -0.65
N THR B 190 18.19 3.62 -0.82
CA THR B 190 19.17 4.35 -1.64
C THR B 190 20.58 4.17 -1.10
N ARG B 191 20.70 4.20 0.22
CA ARG B 191 21.94 3.92 0.93
C ARG B 191 22.44 2.50 0.61
N GLY B 192 21.51 1.54 0.64
CA GLY B 192 21.79 0.15 0.30
C GLY B 192 22.36 -0.14 -1.08
N THR B 193 22.01 0.68 -2.08
CA THR B 193 22.48 0.46 -3.47
C THR B 193 23.99 0.59 -3.63
N LEU B 194 24.61 1.37 -2.75
CA LEU B 194 26.05 1.64 -2.82
C LEU B 194 26.89 0.36 -2.80
N THR B 195 26.51 -0.58 -1.95
CA THR B 195 27.23 -1.83 -1.79
C THR B 195 26.44 -3.01 -2.32
N LEU B 196 25.39 -2.73 -3.10
CA LEU B 196 24.50 -3.78 -3.57
C LEU B 196 25.23 -4.85 -4.39
N ASP B 197 26.04 -4.41 -5.36
CA ASP B 197 26.76 -5.33 -6.24
C ASP B 197 27.64 -6.29 -5.42
N MET B 198 28.45 -5.74 -4.51
CA MET B 198 29.30 -6.57 -3.66
C MET B 198 28.53 -7.47 -2.70
N ARG B 199 27.44 -6.96 -2.11
CA ARG B 199 26.65 -7.76 -1.17
C ARG B 199 26.00 -8.97 -1.85
N VAL B 200 25.45 -8.74 -3.04
CA VAL B 200 24.80 -9.83 -3.76
C VAL B 200 25.81 -10.92 -4.15
N LYS B 201 26.96 -10.48 -4.67
CA LYS B 201 27.99 -11.45 -5.10
C LYS B 201 28.60 -12.21 -3.92
N ARG B 202 28.81 -11.52 -2.81
CA ARG B 202 29.29 -12.19 -1.61
C ARG B 202 28.31 -13.25 -1.14
N ALA B 203 27.03 -12.89 -1.09
CA ALA B 203 26.02 -13.80 -0.59
C ALA B 203 25.91 -15.00 -1.53
N ALA B 204 25.98 -14.75 -2.84
CA ALA B 204 25.91 -15.82 -3.84
C ALA B 204 27.12 -16.75 -3.78
N GLU B 205 28.31 -16.19 -3.62
CA GLU B 205 29.51 -17.00 -3.47
C GLU B 205 29.45 -17.80 -2.18
N ASN B 206 29.00 -17.16 -1.10
CA ASN B 206 28.74 -17.84 0.17
C ASN B 206 27.75 -18.99 0.05
N ALA B 207 26.64 -18.73 -0.64
CA ALA B 207 25.62 -19.75 -0.86
C ALA B 207 26.12 -20.95 -1.66
N GLN B 208 26.94 -20.69 -2.68
CA GLN B 208 27.50 -21.78 -3.47
C GLN B 208 28.29 -22.73 -2.55
N LYS B 209 29.13 -22.15 -1.69
CA LYS B 209 29.91 -22.95 -0.74
C LYS B 209 29.04 -23.65 0.30
N VAL B 210 28.00 -22.97 0.78
CA VAL B 210 27.07 -23.56 1.74
C VAL B 210 26.31 -24.71 1.10
N ALA B 211 25.88 -24.53 -0.16
CA ALA B 211 25.18 -25.58 -0.91
C ALA B 211 26.04 -26.81 -1.14
N GLU B 212 27.32 -26.56 -1.45
CA GLU B 212 28.30 -27.64 -1.61
C GLU B 212 28.53 -28.41 -0.31
N PHE B 213 28.57 -27.68 0.81
CA PHE B 213 28.70 -28.33 2.12
C PHE B 213 27.45 -29.18 2.42
N LEU B 214 26.28 -28.57 2.26
CA LEU B 214 25.02 -29.27 2.51
C LEU B 214 24.90 -30.53 1.64
N HIS B 215 25.36 -30.42 0.39
CA HIS B 215 25.29 -31.51 -0.59
C HIS B 215 26.04 -32.76 -0.14
N GLU B 216 27.01 -32.61 0.77
CA GLU B 216 27.77 -33.76 1.24
C GLU B 216 27.43 -34.21 2.66
N HIS B 217 26.51 -33.51 3.32
CA HIS B 217 26.19 -33.86 4.70
C HIS B 217 25.24 -35.05 4.78
N LYS B 218 25.52 -35.99 5.67
CA LYS B 218 24.72 -37.23 5.75
C LYS B 218 23.28 -37.02 6.24
N ALA B 219 23.06 -35.92 6.94
CA ALA B 219 21.72 -35.57 7.45
C ALA B 219 20.84 -34.85 6.44
N VAL B 220 21.45 -34.41 5.33
CA VAL B 220 20.71 -33.73 4.25
C VAL B 220 20.30 -34.76 3.18
N LYS B 221 18.99 -34.91 2.99
CA LYS B 221 18.46 -35.86 2.00
C LYS B 221 18.49 -35.32 0.58
N LYS B 222 18.33 -34.01 0.44
CA LYS B 222 18.31 -33.35 -0.86
C LYS B 222 18.62 -31.86 -0.67
N VAL B 223 19.35 -31.26 -1.61
CA VAL B 223 19.58 -29.81 -1.61
C VAL B 223 18.95 -29.18 -2.85
N TYR B 224 18.34 -28.01 -2.67
CA TYR B 224 17.78 -27.24 -3.77
C TYR B 224 18.57 -25.93 -3.87
N TYR B 225 19.46 -25.88 -4.85
CA TYR B 225 20.22 -24.66 -5.12
C TYR B 225 20.58 -24.66 -6.61
N PRO B 226 20.23 -23.59 -7.32
CA PRO B 226 20.44 -23.54 -8.78
C PRO B 226 21.89 -23.73 -9.21
N GLY B 227 22.84 -23.44 -8.33
CA GLY B 227 24.27 -23.54 -8.64
C GLY B 227 24.88 -24.92 -8.52
N LEU B 228 24.10 -25.88 -8.03
CA LEU B 228 24.55 -27.27 -7.98
C LEU B 228 24.25 -27.95 -9.34
N PRO B 229 25.25 -28.63 -9.92
CA PRO B 229 25.09 -29.24 -11.25
C PRO B 229 23.98 -30.26 -11.34
N ASP B 230 23.50 -30.79 -10.20
CA ASP B 230 22.39 -31.76 -10.23
C ASP B 230 21.00 -31.15 -9.97
N HIS B 231 20.94 -29.82 -9.82
CA HIS B 231 19.67 -29.13 -9.72
C HIS B 231 19.02 -29.10 -11.10
N PRO B 232 17.75 -29.50 -11.21
CA PRO B 232 17.04 -29.42 -12.49
C PRO B 232 17.08 -27.97 -12.95
N GLY B 233 17.37 -27.72 -14.21
CA GLY B 233 17.41 -26.34 -14.68
C GLY B 233 18.68 -25.57 -14.31
N HIS B 234 19.68 -26.28 -13.79
CA HIS B 234 21.01 -25.71 -13.56
C HIS B 234 21.51 -24.96 -14.79
N GLU B 235 21.34 -25.56 -15.97
CA GLU B 235 21.78 -24.93 -17.21
C GLU B 235 21.00 -23.67 -17.57
N ILE B 236 19.70 -23.67 -17.29
CA ILE B 236 18.87 -22.49 -17.47
C ILE B 236 19.37 -21.36 -16.56
N ALA B 237 19.58 -21.68 -15.29
CA ALA B 237 20.12 -20.71 -14.35
C ALA B 237 21.47 -20.15 -14.81
N LYS B 238 22.33 -21.04 -15.31
CA LYS B 238 23.66 -20.63 -15.79
C LYS B 238 23.61 -19.63 -16.94
N LYS B 239 22.62 -19.74 -17.81
CA LYS B 239 22.53 -18.80 -18.91
C LYS B 239 21.89 -17.48 -18.54
N GLN B 240 21.02 -17.47 -17.53
CA GLN B 240 20.26 -16.26 -17.21
C GLN B 240 20.60 -15.62 -15.85
N MET B 241 21.53 -16.22 -15.12
CA MET B 241 21.99 -15.66 -13.83
C MET B 241 23.51 -15.55 -13.83
N LYS B 242 24.05 -14.40 -13.44
CA LYS B 242 25.50 -14.21 -13.41
C LYS B 242 26.12 -15.07 -12.31
N MET B 243 25.36 -15.22 -11.22
CA MET B 243 25.66 -16.15 -10.13
C MET B 243 24.31 -16.70 -9.68
N PHE B 244 24.32 -17.64 -8.75
CA PHE B 244 23.14 -18.48 -8.53
C PHE B 244 22.24 -18.07 -7.35
N GLY B 245 22.48 -16.88 -6.81
CA GLY B 245 21.66 -16.33 -5.76
C GLY B 245 22.07 -16.80 -4.36
N SER B 246 21.35 -16.33 -3.36
CA SER B 246 21.71 -16.60 -1.96
C SER B 246 20.67 -17.45 -1.24
N MET B 247 19.63 -17.86 -1.97
CA MET B 247 18.57 -18.72 -1.43
C MET B 247 18.88 -20.19 -1.64
N ILE B 248 18.77 -20.95 -0.56
CA ILE B 248 18.92 -22.40 -0.59
C ILE B 248 17.74 -23.02 0.15
N ALA B 249 17.30 -24.19 -0.31
CA ALA B 249 16.44 -25.02 0.51
C ALA B 249 17.03 -26.42 0.60
N PHE B 250 16.71 -27.14 1.67
CA PHE B 250 17.12 -28.53 1.79
C PHE B 250 16.19 -29.37 2.65
N ASP B 251 16.16 -30.67 2.34
CA ASP B 251 15.36 -31.64 3.09
C ASP B 251 16.22 -32.34 4.14
N VAL B 252 15.69 -32.40 5.35
CA VAL B 252 16.18 -33.34 6.34
C VAL B 252 15.09 -34.38 6.58
N ASP B 253 15.50 -35.80 7.47
CA ASP B 253 14.60 -36.90 7.74
C ASP B 253 13.56 -36.53 8.80
N GLY B 254 12.58 -35.72 8.42
CA GLY B 254 11.41 -35.51 9.26
C GLY B 254 11.33 -34.21 10.05
N LEU B 255 10.13 -33.97 10.56
CA LEU B 255 9.77 -32.82 11.40
C LEU B 255 10.73 -32.54 12.56
N GLU B 256 11.08 -33.58 13.28
CA GLU B 256 11.90 -33.46 14.48
C GLU B 256 13.31 -33.02 14.16
N LYS B 257 13.87 -33.57 13.09
CA LYS B 257 15.21 -33.21 12.65
C LYS B 257 15.25 -31.76 12.17
N ALA B 258 14.21 -31.35 11.44
CA ALA B 258 14.08 -29.96 10.99
C ALA B 258 14.08 -29.00 12.17
N LYS B 259 13.27 -29.30 13.17
CA LYS B 259 13.17 -28.49 14.39
C LYS B 259 14.46 -28.52 15.20
N LYS B 260 15.09 -29.69 15.32
CA LYS B 260 16.34 -29.83 16.06
C LYS B 260 17.47 -29.04 15.40
N VAL B 261 17.48 -29.01 14.07
CA VAL B 261 18.45 -28.21 13.34
C VAL B 261 18.22 -26.73 13.68
N LEU B 262 16.97 -26.30 13.58
CA LEU B 262 16.62 -24.91 13.87
C LEU B 262 16.97 -24.52 15.32
N ASP B 263 16.68 -25.43 16.25
CA ASP B 263 16.92 -25.19 17.67
C ASP B 263 18.39 -25.04 18.04
N ASN B 264 19.27 -25.47 17.13
CA ASN B 264 20.70 -25.45 17.42
C ASN B 264 21.54 -24.54 16.53
N CYS B 265 20.87 -23.61 15.85
CA CYS B 265 21.56 -22.57 15.09
C CYS B 265 21.80 -21.36 16.00
N HIS B 266 22.98 -20.75 15.87
CA HIS B 266 23.34 -19.57 16.66
C HIS B 266 23.74 -18.39 15.77
N VAL B 267 24.68 -18.59 14.86
CA VAL B 267 25.09 -17.54 13.92
C VAL B 267 23.97 -17.27 12.92
N VAL B 268 23.38 -18.35 12.39
CA VAL B 268 22.22 -18.27 11.53
C VAL B 268 21.00 -18.08 12.43
N SER B 269 20.18 -17.07 12.12
CA SER B 269 19.03 -16.73 12.97
C SER B 269 17.72 -17.22 12.38
N LEU B 270 16.78 -17.61 13.26
CA LEU B 270 15.45 -18.01 12.83
C LEU B 270 14.67 -16.78 12.38
N ALA B 271 13.93 -16.91 11.28
CA ALA B 271 13.13 -15.80 10.77
C ALA B 271 11.91 -16.23 9.95
N VAL B 272 10.83 -15.48 10.12
CA VAL B 272 9.61 -15.67 9.35
C VAL B 272 9.78 -15.12 7.93
N SER B 273 10.51 -14.02 7.82
CA SER B 273 10.82 -13.40 6.53
C SER B 273 12.31 -13.49 6.20
N LEU B 274 12.64 -14.08 5.05
CA LEU B 274 14.04 -14.30 4.67
C LEU B 274 14.64 -13.15 3.86
N GLY B 275 15.96 -13.15 3.75
CA GLY B 275 16.66 -12.19 2.92
C GLY B 275 17.43 -11.14 3.69
N GLY B 276 18.42 -10.57 3.03
CA GLY B 276 19.24 -9.52 3.64
C GLY B 276 20.64 -10.03 3.93
N PRO B 277 21.46 -9.16 4.51
CA PRO B 277 22.88 -9.48 4.78
C PRO B 277 23.10 -10.43 5.98
N GLU B 278 22.07 -10.66 6.78
CA GLU B 278 22.12 -11.65 7.86
C GLU B 278 21.67 -13.00 7.33
N SER B 279 22.39 -14.06 7.68
CA SER B 279 21.97 -15.42 7.35
C SER B 279 20.77 -15.82 8.20
N LEU B 280 19.73 -16.31 7.53
CA LEU B 280 18.44 -16.57 8.18
C LEU B 280 17.89 -17.91 7.74
N ILE B 281 17.19 -18.58 8.65
CA ILE B 281 16.74 -19.94 8.42
C ILE B 281 15.31 -20.15 8.90
N GLN B 282 14.55 -21.00 8.21
CA GLN B 282 13.19 -21.29 8.64
C GLN B 282 12.74 -22.68 8.22
N HIS B 283 11.71 -23.15 8.90
CA HIS B 283 11.04 -24.39 8.57
C HIS B 283 9.63 -23.95 8.21
N PRO B 284 9.40 -23.74 6.91
CA PRO B 284 8.14 -23.12 6.45
C PRO B 284 6.88 -23.84 6.91
N ALA B 285 6.91 -25.18 6.96
CA ALA B 285 5.74 -25.96 7.36
C ALA B 285 5.21 -25.55 8.74
N SER B 286 6.12 -25.20 9.65
CA SER B 286 5.73 -24.79 11.01
C SER B 286 5.81 -23.29 11.26
N MET B 287 6.55 -22.56 10.42
CA MET B 287 6.81 -21.14 10.69
C MET B 287 6.02 -20.15 9.85
N THR B 288 5.67 -20.52 8.62
CA THR B 288 4.86 -19.65 7.78
C THR B 288 3.51 -20.29 7.39
N HIS B 289 3.46 -21.62 7.40
CA HIS B 289 2.28 -22.34 6.91
C HIS B 289 1.64 -23.28 7.96
N ALA B 290 1.81 -22.96 9.23
CA ALA B 290 1.32 -23.82 10.32
C ALA B 290 -0.21 -23.99 10.35
N GLY B 291 -0.93 -22.96 9.89
CA GLY B 291 -2.38 -22.98 9.85
C GLY B 291 -2.95 -23.60 8.57
N VAL B 292 -2.06 -24.05 7.70
CA VAL B 292 -2.45 -24.74 6.46
C VAL B 292 -2.33 -26.27 6.67
N PRO B 293 -3.39 -27.01 6.34
N PRO B 293 -3.37 -27.01 6.32
CA PRO B 293 -3.39 -28.47 6.50
C PRO B 293 -2.21 -29.15 5.79
N LYS B 294 -1.68 -30.19 6.43
CA LYS B 294 -0.57 -30.99 5.90
C LYS B 294 -0.71 -31.34 4.41
N GLU B 295 -1.89 -31.80 4.00
CA GLU B 295 -2.14 -32.21 2.61
C GLU B 295 -2.00 -31.04 1.63
N GLU B 296 -2.54 -29.89 2.01
CA GLU B 296 -2.49 -28.69 1.19
C GLU B 296 -1.08 -28.12 1.06
N ARG B 297 -0.30 -28.21 2.14
CA ARG B 297 1.10 -27.80 2.12
C ARG B 297 1.87 -28.66 1.11
N GLU B 298 1.63 -29.97 1.17
CA GLU B 298 2.30 -30.92 0.29
C GLU B 298 1.81 -30.82 -1.16
N ALA B 299 0.50 -30.84 -1.36
CA ALA B 299 -0.13 -30.75 -2.69
C ALA B 299 0.39 -29.53 -3.45
N ALA B 300 0.74 -28.49 -2.70
CA ALA B 300 1.47 -27.36 -3.25
C ALA B 300 2.84 -27.87 -3.68
N GLY B 301 3.76 -27.97 -2.74
CA GLY B 301 5.09 -28.48 -2.99
C GLY B 301 5.94 -28.31 -1.74
N LEU B 302 5.31 -28.41 -0.59
CA LEU B 302 5.96 -28.10 0.68
C LEU B 302 5.75 -29.21 1.71
N THR B 303 6.84 -29.81 2.15
CA THR B 303 6.79 -30.94 3.08
C THR B 303 7.32 -30.56 4.45
N ASP B 304 7.14 -31.46 5.41
CA ASP B 304 7.68 -31.31 6.75
C ASP B 304 9.21 -31.45 6.80
N ASN B 305 9.78 -31.98 5.72
CA ASN B 305 11.23 -32.18 5.64
C ASN B 305 12.00 -30.91 5.27
N LEU B 306 11.30 -29.93 4.71
CA LEU B 306 11.98 -28.81 4.03
C LEU B 306 12.43 -27.69 4.96
N ILE B 307 13.68 -27.28 4.78
CA ILE B 307 14.22 -26.10 5.46
C ILE B 307 14.61 -25.08 4.39
N ARG B 308 14.31 -23.81 4.64
CA ARG B 308 14.72 -22.74 3.75
C ARG B 308 15.79 -21.88 4.41
N LEU B 309 16.82 -21.53 3.64
CA LEU B 309 17.95 -20.77 4.15
C LEU B 309 18.26 -19.60 3.21
N SER B 310 18.32 -18.39 3.75
CA SER B 310 18.86 -17.26 2.98
C SER B 310 20.24 -16.97 3.55
N VAL B 311 21.25 -17.08 2.68
CA VAL B 311 22.64 -16.99 3.07
C VAL B 311 23.05 -15.52 3.04
N GLY B 312 23.62 -15.06 4.14
CA GLY B 312 24.02 -13.68 4.31
C GLY B 312 25.45 -13.41 3.87
N CYS B 313 25.99 -12.27 4.31
CA CYS B 313 27.30 -11.79 3.89
C CYS B 313 28.41 -12.08 4.91
N GLU B 314 28.07 -12.79 5.98
CA GLU B 314 29.04 -13.13 7.02
C GLU B 314 30.17 -13.99 6.45
N ASN B 315 31.26 -14.11 7.21
CA ASN B 315 32.34 -15.04 6.89
C ASN B 315 31.70 -16.42 6.73
N VAL B 316 31.89 -17.04 5.56
CA VAL B 316 31.17 -18.29 5.27
C VAL B 316 31.59 -19.43 6.20
N GLN B 317 32.81 -19.35 6.73
CA GLN B 317 33.27 -20.32 7.72
C GLN B 317 32.36 -20.35 8.94
N ASP B 318 31.96 -19.17 9.40
CA ASP B 318 31.05 -19.05 10.54
C ASP B 318 29.68 -19.64 10.22
N ILE B 319 29.22 -19.47 8.99
CA ILE B 319 27.92 -20.01 8.57
C ILE B 319 27.95 -21.54 8.50
N ILE B 320 28.98 -22.08 7.84
CA ILE B 320 29.12 -23.53 7.71
C ILE B 320 29.33 -24.19 9.08
N ASP B 321 30.19 -23.59 9.91
CA ASP B 321 30.39 -24.09 11.29
C ASP B 321 29.07 -24.23 12.07
N ASP B 322 28.22 -23.22 11.93
CA ASP B 322 26.93 -23.18 12.62
C ASP B 322 26.01 -24.31 12.14
N LEU B 323 25.88 -24.43 10.82
CA LEU B 323 25.01 -25.44 10.20
C LEU B 323 25.55 -26.85 10.42
N LYS B 324 26.87 -27.00 10.31
CA LYS B 324 27.54 -28.27 10.54
C LYS B 324 27.26 -28.82 11.94
N GLN B 325 27.45 -27.99 12.96
CA GLN B 325 27.17 -28.41 14.34
C GLN B 325 25.73 -28.89 14.48
N ALA B 326 24.81 -28.10 13.93
CA ALA B 326 23.38 -28.37 14.08
C ALA B 326 22.95 -29.64 13.35
N LEU B 327 23.50 -29.86 12.16
CA LEU B 327 23.16 -31.03 11.36
C LEU B 327 23.75 -32.32 11.96
N ASP B 328 24.94 -32.21 12.54
CA ASP B 328 25.58 -33.36 13.22
C ASP B 328 24.75 -33.83 14.42
N LEU B 329 24.04 -32.90 15.06
CA LEU B 329 23.25 -33.23 16.24
C LEU B 329 21.99 -34.01 15.88
N VAL B 330 21.70 -34.05 14.59
CA VAL B 330 20.49 -34.65 14.08
C VAL B 330 20.75 -36.07 13.58
N LEU B 331 22.04 -36.39 13.43
CA LEU B 331 22.47 -37.76 13.13
C LEU B 331 22.37 -38.59 14.42
C1 EDO C . -25.55 -8.98 -10.07
O1 EDO C . -25.06 -8.31 -8.91
C2 EDO C . -26.13 -7.97 -11.05
O2 EDO C . -26.64 -6.84 -10.36
C1 EDO D . 5.34 -3.02 18.56
O1 EDO D . 4.82 -2.55 19.80
C2 EDO D . 6.21 -1.94 17.95
O2 EDO D . 5.74 -1.64 16.66
C1 EDO E . -32.95 -12.09 -7.57
O1 EDO E . -34.29 -12.35 -7.17
C2 EDO E . -32.82 -12.20 -9.08
O2 EDO E . -31.55 -12.75 -9.40
C1 EDO F . -29.12 9.83 -8.09
O1 EDO F . -30.51 9.56 -8.00
C2 EDO F . -28.43 8.68 -8.82
O2 EDO F . -27.03 8.92 -8.88
C1 EDO G . -21.08 36.81 4.69
O1 EDO G . -20.92 38.21 4.58
C2 EDO G . -21.50 36.25 3.34
O2 EDO G . -21.99 34.93 3.49
C1 EDO H . -20.00 42.16 4.77
O1 EDO H . -20.82 41.14 4.21
C2 EDO H . -19.53 41.70 6.15
O2 EDO H . -19.33 42.84 6.97
C1 EDO I . -17.75 38.91 4.08
O1 EDO I . -18.33 39.87 3.21
C2 EDO I . -18.11 37.53 3.59
O2 EDO I . -17.34 36.52 4.21
C1 EDO J . -30.21 -12.21 -5.19
O1 EDO J . -30.34 -10.89 -4.68
C2 EDO J . -30.87 -13.19 -4.22
O2 EDO J . -32.05 -13.73 -4.81
C1 EDO K . -13.74 -13.12 2.82
O1 EDO K . -13.36 -14.11 3.77
C2 EDO K . -13.46 -11.73 3.38
O2 EDO K . -14.69 -11.04 3.58
C1 EDO L . -4.70 12.07 24.41
O1 EDO L . -5.63 12.49 23.43
C2 EDO L . -4.04 13.29 25.03
O2 EDO L . -4.26 13.26 26.43
C1 EDO M . -18.75 -13.29 5.64
O1 EDO M . -17.59 -14.08 5.47
C2 EDO M . -18.37 -11.90 6.15
O2 EDO M . -17.50 -11.27 5.23
C1 EDO N . -17.81 -8.52 8.73
O1 EDO N . -18.57 -8.26 7.56
C2 EDO N . -16.61 -9.38 8.37
O2 EDO N . -16.02 -9.90 9.57
C1 EDO O . -23.59 2.08 -12.39
O1 EDO O . -24.37 2.42 -11.25
C2 EDO O . -22.51 1.07 -12.02
O2 EDO O . -21.42 1.73 -11.41
C1 EDO P . -37.26 5.42 9.75
O1 EDO P . -38.64 5.07 9.72
C2 EDO P . -36.69 5.27 11.15
O2 EDO P . -36.77 3.92 11.57
C1 EDO Q . -36.87 -0.87 8.66
O1 EDO Q . -35.97 -1.78 9.27
C2 EDO Q . -36.96 0.36 9.54
O2 EDO Q . -38.25 0.92 9.38
C1 EDO R . -7.65 12.17 2.77
O1 EDO R . -6.80 13.17 2.20
C2 EDO R . -7.10 10.78 2.44
O2 EDO R . -7.91 9.79 3.08
C1 EDO S . 2.86 20.92 -0.44
O1 EDO S . 3.35 19.89 0.42
C2 EDO S . 4.01 21.52 -1.23
O2 EDO S . 3.52 22.50 -2.12
C1 PEG T . -26.90 -10.58 -3.46
O1 PEG T . -27.86 -11.58 -3.16
C2 PEG T . -27.11 -10.09 -4.89
O2 PEG T . -25.91 -10.26 -5.64
C3 PEG T . -26.16 -10.89 -6.89
C4 PEG T . -25.09 -11.95 -7.14
O4 PEG T . -24.40 -11.68 -8.36
C1 EDO U . 5.88 -25.37 -5.02
O1 EDO U . 7.03 -25.42 -5.84
C2 EDO U . 4.63 -25.60 -5.85
O2 EDO U . 4.82 -26.72 -6.72
C1 EDO V . 26.35 -36.26 -2.73
O1 EDO V . 27.68 -36.70 -2.96
C2 EDO V . 25.64 -37.21 -1.76
O2 EDO V . 25.57 -36.58 -0.49
C1 EDO W . 24.26 -4.30 -14.66
O1 EDO W . 24.62 -3.34 -15.65
C2 EDO W . 23.15 -3.71 -13.80
O2 EDO W . 22.69 -4.68 -12.87
C1 EDO X . 20.86 -8.26 -23.97
O1 EDO X . 20.57 -6.93 -23.55
C2 EDO X . 22.37 -8.45 -24.13
O2 EDO X . 23.03 -8.17 -22.90
C1 PEG Y . 25.79 -15.68 -17.24
O1 PEG Y . 27.18 -15.55 -16.95
C2 PEG Y . 25.32 -14.42 -17.96
O2 PEG Y . 23.90 -14.33 -17.87
C3 PEG Y . 23.46 -12.97 -17.86
C4 PEG Y . 22.63 -12.76 -16.61
O4 PEG Y . 22.45 -11.37 -16.38
C1 PEG Z . 6.59 -0.45 4.92
O1 PEG Z . 7.92 -0.63 5.38
C2 PEG Z . 6.51 0.73 3.95
O2 PEG Z . 5.83 1.87 4.49
C3 PEG Z . 5.35 2.77 3.48
C4 PEG Z . 4.85 4.06 4.12
O4 PEG Z . 4.50 5.09 3.19
#